data_6C5X
#
_entry.id   6C5X
#
_cell.length_a   61.122
_cell.length_b   79.996
_cell.length_c   132.747
_cell.angle_alpha   90.000
_cell.angle_beta   90.000
_cell.angle_gamma   90.000
#
_symmetry.space_group_name_H-M   'P 21 21 21'
#
loop_
_entity.id
_entity.type
_entity.pdbx_description
1 polymer Elongin-B
2 polymer Elongin-C
3 polymer 'Suppressor of Cytokine Signalling 1'
4 polymer 'GP130 peptide fragment'
5 water water
#
loop_
_entity_poly.entity_id
_entity_poly.type
_entity_poly.pdbx_seq_one_letter_code
_entity_poly.pdbx_strand_id
1 'polypeptide(L)'
;MDVFLMIRRHKTTIFTDAKESSTVFELKRIVEGILKRPPDEQRLYKDDQLLDDGKTLGECGFTSQTARPQAPATVGLAFR
ADDTFEALCIEPFSSPPELPDVMKPQDSGSSANEQAVQ
;
B,E
2 'polypeptide(L)'
;MYVKLISSDGHEFIVKREHALTSGTIKAMLSGPGQFAENETNEVNFREIPSHVLSKVCMYFTYKVRYTNSSTEIPEFPIA
PEIALELLMAANFLDC
;
C,F
3 'polypeptide(L)'
;LLLSDTHFRTFRSHSDFTVITKTSSMLDTCGFYWGPMDVNVAHDKLKSEPIGTFLIRDSKQKNCFFAISVKTARETVSIR
IKFHAGKFSLDGSKELFSCLFQLVEHYMTSPKKMLVSPLRKVRLRPLQELCRKSILATFGRQNLDSIPLNRVLKDYLKSF
PFQI
;
D,A
4 'polypeptide(L)' TVE(PTR)STVVHS G
#
# COMPACT_ATOMS: atom_id res chain seq x y z
N MET A 1 -31.99 -16.96 -9.97
CA MET A 1 -30.86 -16.14 -9.55
C MET A 1 -29.57 -16.61 -10.19
N ASP A 2 -28.46 -15.98 -9.83
CA ASP A 2 -27.15 -16.32 -10.38
C ASP A 2 -26.47 -17.37 -9.51
N VAL A 3 -25.76 -18.28 -10.18
CA VAL A 3 -25.02 -19.35 -9.52
C VAL A 3 -23.55 -19.21 -9.89
N PHE A 4 -22.68 -19.36 -8.89
CA PHE A 4 -21.25 -19.16 -9.07
C PHE A 4 -20.53 -20.49 -8.94
N LEU A 5 -19.63 -20.78 -9.87
CA LEU A 5 -19.07 -22.11 -10.02
C LEU A 5 -17.55 -22.06 -10.12
N MET A 6 -16.94 -23.22 -9.88
CA MET A 6 -15.52 -23.45 -10.15
C MET A 6 -15.42 -24.67 -11.04
N ILE A 7 -15.03 -24.45 -12.30
CA ILE A 7 -14.84 -25.54 -13.25
C ILE A 7 -13.38 -25.94 -13.23
N ARG A 8 -13.10 -27.17 -12.80
CA ARG A 8 -11.75 -27.61 -12.50
C ARG A 8 -11.40 -28.86 -13.31
N ARG A 9 -10.22 -28.84 -13.92
CA ARG A 9 -9.66 -30.01 -14.58
C ARG A 9 -8.14 -29.96 -14.42
N HIS A 10 -7.58 -31.04 -13.88
CA HIS A 10 -6.14 -31.16 -13.64
C HIS A 10 -5.72 -29.99 -12.74
N LYS A 11 -4.79 -29.14 -13.16
CA LYS A 11 -4.36 -28.00 -12.35
C LYS A 11 -4.91 -26.68 -12.89
N THR A 12 -6.08 -26.73 -13.53
CA THR A 12 -6.73 -25.55 -14.09
C THR A 12 -8.05 -25.31 -13.37
N THR A 13 -8.31 -24.06 -13.00
CA THR A 13 -9.53 -23.69 -12.30
C THR A 13 -10.11 -22.44 -12.96
N ILE A 14 -11.37 -22.52 -13.40
CA ILE A 14 -12.04 -21.41 -14.07
C ILE A 14 -13.15 -20.91 -13.14
N PHE A 15 -13.06 -19.64 -12.78
CA PHE A 15 -14.10 -18.98 -12.01
C PHE A 15 -15.09 -18.31 -12.97
N THR A 16 -16.36 -18.70 -12.88
CA THR A 16 -17.38 -18.14 -13.77
C THR A 16 -18.73 -18.24 -13.07
N ASP A 17 -19.69 -17.46 -13.59
CA ASP A 17 -21.05 -17.46 -13.09
C ASP A 17 -22.01 -17.69 -14.25
N ALA A 18 -23.25 -18.05 -13.90
CA ALA A 18 -24.28 -18.30 -14.89
C ALA A 18 -25.63 -18.20 -14.20
N LYS A 19 -26.69 -18.25 -15.00
CA LYS A 19 -28.04 -18.25 -14.48
C LYS A 19 -28.41 -19.65 -14.00
N GLU A 20 -29.16 -19.72 -12.90
CA GLU A 20 -29.66 -21.01 -12.41
C GLU A 20 -30.53 -21.71 -13.45
N SER A 21 -31.19 -20.93 -14.31
CA SER A 21 -32.01 -21.49 -15.38
C SER A 21 -31.21 -21.83 -16.63
N SER A 22 -29.92 -21.50 -16.67
CA SER A 22 -29.09 -21.82 -17.82
C SER A 22 -28.73 -23.31 -17.81
N THR A 23 -28.42 -23.82 -18.99
CA THR A 23 -28.20 -25.24 -19.18
C THR A 23 -26.71 -25.58 -19.08
N VAL A 24 -26.44 -26.88 -18.91
CA VAL A 24 -25.06 -27.35 -18.84
C VAL A 24 -24.34 -27.12 -20.16
N PHE A 25 -25.06 -27.24 -21.28
CA PHE A 25 -24.43 -27.01 -22.58
C PHE A 25 -23.96 -25.58 -22.72
N GLU A 26 -24.74 -24.61 -22.20
CA GLU A 26 -24.28 -23.23 -22.19
C GLU A 26 -22.98 -23.08 -21.41
N LEU A 27 -22.80 -23.88 -20.35
CA LEU A 27 -21.55 -23.85 -19.60
C LEU A 27 -20.41 -24.40 -20.44
N LYS A 28 -20.67 -25.45 -21.23
CA LYS A 28 -19.64 -25.97 -22.13
C LYS A 28 -19.25 -24.93 -23.16
N ARG A 29 -20.20 -24.11 -23.60
CA ARG A 29 -19.90 -23.05 -24.56
C ARG A 29 -18.96 -22.01 -23.96
N ILE A 30 -19.06 -21.77 -22.65
CA ILE A 30 -18.16 -20.83 -21.98
C ILE A 30 -16.75 -21.39 -21.95
N VAL A 31 -16.60 -22.68 -21.62
CA VAL A 31 -15.28 -23.29 -21.56
C VAL A 31 -14.63 -23.32 -22.94
N GLU A 32 -15.45 -23.44 -24.00
CA GLU A 32 -14.90 -23.46 -25.35
C GLU A 32 -14.17 -22.18 -25.68
N GLY A 33 -14.75 -21.03 -25.31
CA GLY A 33 -14.09 -19.75 -25.54
C GLY A 33 -12.85 -19.53 -24.72
N ILE A 34 -12.70 -20.23 -23.60
CA ILE A 34 -11.57 -20.05 -22.70
C ILE A 34 -10.46 -21.06 -22.97
N LEU A 35 -10.80 -22.35 -23.03
CA LEU A 35 -9.82 -23.40 -23.16
C LEU A 35 -9.70 -23.95 -24.58
N LYS A 36 -10.50 -23.43 -25.52
CA LYS A 36 -10.38 -23.77 -26.93
C LYS A 36 -10.64 -25.26 -27.17
N ARG A 37 -11.64 -25.80 -26.48
CA ARG A 37 -12.10 -27.16 -26.72
C ARG A 37 -13.61 -27.12 -27.00
N PRO A 38 -14.07 -27.78 -28.07
CA PRO A 38 -15.49 -27.71 -28.41
C PRO A 38 -16.33 -28.49 -27.42
N PRO A 39 -17.65 -28.25 -27.38
CA PRO A 39 -18.49 -28.93 -26.38
C PRO A 39 -18.51 -30.44 -26.50
N ASP A 40 -18.35 -30.98 -27.72
CA ASP A 40 -18.36 -32.43 -27.87
C ASP A 40 -17.07 -33.08 -27.36
N GLU A 41 -16.09 -32.29 -26.94
CA GLU A 41 -14.89 -32.81 -26.30
C GLU A 41 -14.86 -32.52 -24.81
N GLN A 42 -15.98 -32.09 -24.23
CA GLN A 42 -16.07 -31.74 -22.83
C GLN A 42 -17.07 -32.61 -22.10
N ARG A 43 -16.80 -32.89 -20.83
CA ARG A 43 -17.76 -33.53 -19.94
C ARG A 43 -17.74 -32.80 -18.60
N LEU A 44 -18.90 -32.36 -18.14
CA LEU A 44 -19.02 -31.66 -16.87
C LEU A 44 -19.60 -32.60 -15.82
N TYR A 45 -19.10 -32.48 -14.59
CA TYR A 45 -19.47 -33.38 -13.51
C TYR A 45 -19.83 -32.59 -12.26
N LYS A 46 -20.82 -33.09 -11.53
CA LYS A 46 -21.09 -32.66 -10.16
C LYS A 46 -20.77 -33.84 -9.25
N ASP A 47 -19.66 -33.74 -8.52
CA ASP A 47 -19.09 -34.87 -7.77
C ASP A 47 -18.78 -35.96 -8.79
N ASP A 48 -19.42 -37.12 -8.74
CA ASP A 48 -19.23 -38.17 -9.73
C ASP A 48 -20.42 -38.30 -10.67
N GLN A 49 -21.35 -37.36 -10.62
CA GLN A 49 -22.56 -37.40 -11.43
C GLN A 49 -22.32 -36.67 -12.74
N LEU A 50 -22.45 -37.40 -13.86
CA LEU A 50 -22.31 -36.78 -15.17
C LEU A 50 -23.56 -35.95 -15.48
N LEU A 51 -23.34 -34.68 -15.83
CA LEU A 51 -24.46 -33.78 -16.09
C LEU A 51 -24.96 -33.92 -17.51
N ASP A 52 -26.28 -33.88 -17.67
CA ASP A 52 -26.90 -33.93 -18.98
C ASP A 52 -26.83 -32.57 -19.67
N ASP A 53 -26.76 -32.60 -21.00
CA ASP A 53 -26.64 -31.35 -21.76
C ASP A 53 -27.89 -30.49 -21.63
N GLY A 54 -29.07 -31.12 -21.69
CA GLY A 54 -30.32 -30.37 -21.69
C GLY A 54 -30.85 -29.98 -20.33
N LYS A 55 -30.18 -30.34 -19.25
CA LYS A 55 -30.64 -30.01 -17.91
C LYS A 55 -30.06 -28.67 -17.47
N THR A 56 -30.89 -27.87 -16.81
CA THR A 56 -30.43 -26.59 -16.29
C THR A 56 -29.54 -26.80 -15.06
N LEU A 57 -28.81 -25.75 -14.70
CA LEU A 57 -27.94 -25.82 -13.53
C LEU A 57 -28.75 -26.02 -12.25
N GLY A 58 -29.95 -25.41 -12.19
CA GLY A 58 -30.81 -25.63 -11.05
C GLY A 58 -31.30 -27.07 -10.95
N GLU A 59 -31.63 -27.68 -12.09
CA GLU A 59 -32.06 -29.07 -12.10
C GLU A 59 -30.93 -30.00 -11.70
N CYS A 60 -29.68 -29.61 -11.96
CA CYS A 60 -28.53 -30.43 -11.60
C CYS A 60 -28.16 -30.32 -10.13
N GLY A 61 -28.89 -29.53 -9.35
CA GLY A 61 -28.61 -29.33 -7.95
C GLY A 61 -27.83 -28.07 -7.63
N PHE A 62 -27.38 -27.34 -8.65
CA PHE A 62 -26.67 -26.08 -8.44
C PHE A 62 -27.71 -24.98 -8.22
N THR A 63 -27.84 -24.54 -6.97
CA THR A 63 -28.74 -23.45 -6.62
C THR A 63 -27.94 -22.26 -6.10
N SER A 64 -28.53 -21.08 -6.20
CA SER A 64 -27.89 -19.87 -5.68
C SER A 64 -27.59 -19.99 -4.19
N GLN A 65 -28.39 -20.76 -3.45
CA GLN A 65 -28.16 -20.91 -2.02
C GLN A 65 -26.94 -21.76 -1.72
N THR A 66 -26.61 -22.70 -2.59
CA THR A 66 -25.51 -23.64 -2.34
C THR A 66 -24.25 -23.31 -3.14
N ALA A 67 -24.26 -22.23 -3.93
CA ALA A 67 -23.10 -21.83 -4.74
C ALA A 67 -23.03 -20.31 -4.76
N ARG A 68 -22.43 -19.75 -3.72
CA ARG A 68 -22.27 -18.32 -3.52
C ARG A 68 -20.94 -17.84 -4.11
N PRO A 69 -20.78 -16.53 -4.30
CA PRO A 69 -19.46 -16.04 -4.77
C PRO A 69 -18.32 -16.41 -3.84
N GLN A 70 -18.54 -16.36 -2.53
CA GLN A 70 -17.50 -16.71 -1.58
C GLN A 70 -17.34 -18.20 -1.38
N ALA A 71 -18.27 -19.01 -1.90
CA ALA A 71 -18.19 -20.47 -1.82
C ALA A 71 -18.74 -21.06 -3.10
N PRO A 72 -18.02 -20.93 -4.21
CA PRO A 72 -18.53 -21.42 -5.49
C PRO A 72 -18.53 -22.94 -5.56
N ALA A 73 -19.53 -23.47 -6.26
CA ALA A 73 -19.65 -24.91 -6.42
C ALA A 73 -18.59 -25.44 -7.37
N THR A 74 -18.09 -26.64 -7.08
CA THR A 74 -17.06 -27.27 -7.89
C THR A 74 -17.69 -28.14 -8.97
N VAL A 75 -17.28 -27.93 -10.22
CA VAL A 75 -17.76 -28.69 -11.36
C VAL A 75 -16.55 -29.36 -12.01
N GLY A 76 -16.56 -30.69 -12.05
CA GLY A 76 -15.46 -31.42 -12.67
C GLY A 76 -15.52 -31.35 -14.18
N LEU A 77 -14.33 -31.32 -14.78
CA LEU A 77 -14.20 -31.20 -16.23
C LEU A 77 -13.22 -32.24 -16.75
N ALA A 78 -13.61 -32.89 -17.85
CA ALA A 78 -12.75 -33.87 -18.52
C ALA A 78 -12.77 -33.61 -20.02
N PHE A 79 -11.63 -33.81 -20.66
CA PHE A 79 -11.48 -33.60 -22.09
C PHE A 79 -11.43 -34.92 -22.83
N ARG A 80 -11.65 -34.86 -24.14
CA ARG A 80 -11.64 -36.04 -24.99
C ARG A 80 -10.23 -36.29 -25.49
N ALA A 81 -9.69 -37.46 -25.14
CA ALA A 81 -8.39 -37.94 -25.60
C ALA A 81 -8.65 -39.01 -26.65
N ASP A 82 -8.68 -38.60 -27.93
CA ASP A 82 -8.97 -39.49 -29.06
C ASP A 82 -10.34 -40.13 -28.86
N ASP A 83 -10.44 -41.44 -28.70
CA ASP A 83 -11.72 -42.14 -28.73
C ASP A 83 -12.64 -41.69 -27.60
N THR A 84 -12.12 -41.68 -26.37
CA THR A 84 -12.93 -41.55 -25.16
C THR A 84 -12.59 -40.26 -24.45
N PHE A 85 -13.29 -40.05 -23.33
CA PHE A 85 -13.06 -38.92 -22.46
C PHE A 85 -12.14 -39.38 -21.34
N GLU A 86 -11.12 -38.58 -21.03
CA GLU A 86 -10.20 -38.95 -19.97
C GLU A 86 -10.92 -39.05 -18.64
N ALA A 87 -10.33 -39.81 -17.73
CA ALA A 87 -10.92 -39.97 -16.42
C ALA A 87 -10.91 -38.64 -15.69
N LEU A 88 -11.95 -38.41 -14.88
CA LEU A 88 -12.03 -37.17 -14.13
C LEU A 88 -10.90 -37.10 -13.12
N CYS A 89 -10.13 -36.01 -13.18
CA CYS A 89 -8.98 -35.84 -12.30
C CYS A 89 -8.87 -34.37 -11.97
N ILE A 90 -9.03 -34.04 -10.69
CA ILE A 90 -8.93 -32.67 -10.20
C ILE A 90 -7.79 -32.64 -9.20
N GLU A 91 -6.74 -31.92 -9.54
CA GLU A 91 -5.59 -31.81 -8.64
C GLU A 91 -5.99 -31.00 -7.42
N PRO A 92 -5.82 -31.53 -6.21
CA PRO A 92 -6.25 -30.79 -5.01
C PRO A 92 -5.34 -29.60 -4.74
N PHE A 93 -5.92 -28.57 -4.13
CA PHE A 93 -5.14 -27.43 -3.70
C PHE A 93 -4.22 -27.83 -2.55
N SER A 94 -3.25 -26.97 -2.26
CA SER A 94 -2.39 -27.20 -1.11
C SER A 94 -3.18 -27.02 0.18
N SER A 95 -2.55 -27.38 1.30
CA SER A 95 -3.21 -27.18 2.58
C SER A 95 -2.44 -26.21 3.44
N PRO A 96 -3.12 -25.42 4.27
CA PRO A 96 -2.41 -24.52 5.17
C PRO A 96 -1.69 -25.32 6.24
N PRO A 97 -0.60 -24.79 6.79
CA PRO A 97 0.13 -25.53 7.82
C PRO A 97 -0.62 -25.59 9.14
N GLU A 98 -0.07 -26.32 10.11
CA GLU A 98 -0.67 -26.39 11.42
C GLU A 98 -0.52 -25.06 12.15
N LEU A 99 -1.49 -24.75 13.00
CA LEU A 99 -1.43 -23.50 13.76
C LEU A 99 -0.28 -23.55 14.74
N PRO A 100 0.47 -22.45 14.91
CA PRO A 100 1.58 -22.36 15.86
C PRO A 100 1.12 -22.49 17.31
N MET B 1 -11.22 -9.97 -21.68
CA MET B 1 -12.15 -11.04 -21.37
C MET B 1 -11.75 -11.78 -20.10
N TYR B 2 -10.90 -12.78 -20.25
CA TYR B 2 -10.43 -13.59 -19.12
C TYR B 2 -8.91 -13.49 -18.99
N VAL B 3 -8.44 -13.65 -17.76
CA VAL B 3 -7.02 -13.67 -17.45
C VAL B 3 -6.70 -14.92 -16.66
N LYS B 4 -5.47 -15.40 -16.78
CA LYS B 4 -5.02 -16.63 -16.13
C LYS B 4 -4.03 -16.29 -15.03
N LEU B 5 -4.34 -16.71 -13.81
CA LEU B 5 -3.46 -16.52 -12.65
C LEU B 5 -2.88 -17.86 -12.23
N ILE B 6 -1.56 -17.92 -12.12
CA ILE B 6 -0.85 -19.15 -11.79
C ILE B 6 -0.21 -18.99 -10.42
N SER B 7 -0.41 -20.00 -9.56
CA SER B 7 0.10 -19.97 -8.20
C SER B 7 1.53 -20.52 -8.17
N SER B 8 2.08 -20.61 -6.94
CA SER B 8 3.44 -21.12 -6.79
C SER B 8 3.54 -22.59 -7.17
N ASP B 9 2.49 -23.38 -6.90
CA ASP B 9 2.48 -24.79 -7.22
C ASP B 9 1.99 -25.08 -8.64
N GLY B 10 1.84 -24.06 -9.47
CA GLY B 10 1.46 -24.24 -10.85
C GLY B 10 -0.01 -24.34 -11.14
N HIS B 11 -0.87 -24.12 -10.14
CA HIS B 11 -2.31 -24.14 -10.37
C HIS B 11 -2.73 -22.92 -11.17
N GLU B 12 -3.51 -23.15 -12.23
CA GLU B 12 -3.97 -22.07 -13.10
C GLU B 12 -5.37 -21.65 -12.68
N PHE B 13 -5.55 -20.36 -12.47
CA PHE B 13 -6.84 -19.78 -12.10
C PHE B 13 -7.27 -18.80 -13.18
N ILE B 14 -8.33 -19.14 -13.88
CA ILE B 14 -8.83 -18.32 -14.98
C ILE B 14 -10.06 -17.56 -14.48
N VAL B 15 -9.93 -16.24 -14.40
CA VAL B 15 -10.99 -15.37 -13.90
C VAL B 15 -11.25 -14.29 -14.92
N LYS B 16 -12.41 -13.64 -14.78
CA LYS B 16 -12.75 -12.52 -15.66
C LYS B 16 -11.74 -11.39 -15.48
N ARG B 17 -11.38 -10.76 -16.61
CA ARG B 17 -10.36 -9.71 -16.57
C ARG B 17 -10.80 -8.55 -15.69
N GLU B 18 -12.08 -8.20 -15.73
CA GLU B 18 -12.59 -7.12 -14.88
C GLU B 18 -12.47 -7.47 -13.40
N HIS B 19 -12.57 -8.75 -13.06
CA HIS B 19 -12.45 -9.15 -11.66
C HIS B 19 -11.01 -9.02 -11.16
N ALA B 20 -10.03 -9.36 -12.00
CA ALA B 20 -8.63 -9.27 -11.59
C ALA B 20 -8.17 -7.84 -11.41
N LEU B 21 -8.81 -6.87 -12.08
CA LEU B 21 -8.42 -5.48 -11.96
C LEU B 21 -8.72 -4.90 -10.57
N THR B 22 -9.42 -5.65 -9.72
CA THR B 22 -9.62 -5.22 -8.33
C THR B 22 -8.28 -5.05 -7.62
N SER B 23 -7.36 -6.00 -7.82
CA SER B 23 -6.05 -5.91 -7.20
C SER B 23 -5.21 -4.85 -7.90
N GLY B 24 -4.73 -3.86 -7.14
CA GLY B 24 -3.88 -2.84 -7.72
C GLY B 24 -2.57 -3.40 -8.25
N THR B 25 -2.04 -4.44 -7.61
CA THR B 25 -0.80 -5.06 -8.07
C THR B 25 -1.02 -5.76 -9.41
N ILE B 26 -2.04 -6.61 -9.49
CA ILE B 26 -2.35 -7.30 -10.75
C ILE B 26 -2.64 -6.29 -11.86
N LYS B 27 -3.35 -5.21 -11.52
CA LYS B 27 -3.63 -4.16 -12.49
C LYS B 27 -2.35 -3.55 -13.05
N ALA B 28 -1.29 -3.46 -12.24
CA ALA B 28 -0.04 -2.87 -12.70
C ALA B 28 0.75 -3.80 -13.61
N MET B 29 0.66 -5.10 -13.41
CA MET B 29 1.43 -6.07 -14.19
C MET B 29 0.47 -6.95 -14.99
N LEU B 30 -0.15 -6.36 -16.01
CA LEU B 30 -1.05 -7.09 -16.88
C LEU B 30 -1.17 -6.34 -18.20
N SER B 31 -1.10 -7.07 -19.31
CA SER B 31 -1.16 -6.47 -20.64
C SER B 31 -2.50 -5.78 -20.89
N ASN B 42 -1.83 -11.32 -20.46
CA ASN B 42 -3.00 -12.16 -20.19
C ASN B 42 -2.66 -13.28 -19.22
N GLU B 43 -1.42 -13.27 -18.71
CA GLU B 43 -0.96 -14.28 -17.76
C GLU B 43 -0.07 -13.62 -16.73
N VAL B 44 -0.31 -13.94 -15.46
CA VAL B 44 0.50 -13.45 -14.34
C VAL B 44 0.97 -14.64 -13.53
N ASN B 45 2.23 -14.61 -13.11
CA ASN B 45 2.85 -15.69 -12.37
C ASN B 45 3.10 -15.23 -10.94
N PHE B 46 2.57 -15.99 -9.98
CA PHE B 46 2.72 -15.70 -8.55
C PHE B 46 3.50 -16.84 -7.91
N ARG B 47 4.82 -16.82 -8.09
CA ARG B 47 5.69 -17.88 -7.60
C ARG B 47 5.80 -17.93 -6.08
N GLU B 48 5.17 -17.00 -5.35
CA GLU B 48 5.27 -16.96 -3.89
C GLU B 48 3.95 -17.22 -3.18
N ILE B 49 2.86 -17.41 -3.91
CA ILE B 49 1.53 -17.59 -3.32
C ILE B 49 1.07 -19.01 -3.63
N PRO B 50 0.77 -19.83 -2.63
CA PRO B 50 0.27 -21.18 -2.90
C PRO B 50 -1.15 -21.17 -3.45
N SER B 51 -1.58 -22.33 -3.94
CA SER B 51 -2.86 -22.43 -4.62
C SER B 51 -4.03 -22.24 -3.66
N HIS B 52 -3.95 -22.79 -2.46
CA HIS B 52 -5.06 -22.68 -1.52
C HIS B 52 -5.29 -21.25 -1.07
N VAL B 53 -4.27 -20.40 -1.16
CA VAL B 53 -4.44 -18.98 -0.85
C VAL B 53 -4.93 -18.22 -2.08
N LEU B 54 -4.35 -18.50 -3.25
CA LEU B 54 -4.78 -17.81 -4.46
C LEU B 54 -6.20 -18.16 -4.84
N SER B 55 -6.63 -19.41 -4.57
CA SER B 55 -8.02 -19.77 -4.81
C SER B 55 -8.95 -18.97 -3.90
N LYS B 56 -8.54 -18.75 -2.66
CA LYS B 56 -9.35 -17.96 -1.74
C LYS B 56 -9.42 -16.51 -2.19
N VAL B 57 -8.31 -15.98 -2.73
CA VAL B 57 -8.30 -14.61 -3.23
C VAL B 57 -9.25 -14.46 -4.42
N CYS B 58 -9.25 -15.45 -5.32
CA CYS B 58 -10.16 -15.41 -6.47
C CYS B 58 -11.61 -15.40 -6.02
N MET B 59 -11.93 -16.10 -4.94
CA MET B 59 -13.28 -16.04 -4.39
C MET B 59 -13.58 -14.65 -3.84
N TYR B 60 -12.59 -13.99 -3.25
CA TYR B 60 -12.80 -12.64 -2.74
C TYR B 60 -13.06 -11.66 -3.87
N PHE B 61 -12.40 -11.83 -5.01
CA PHE B 61 -12.66 -10.98 -6.16
C PHE B 61 -14.14 -11.06 -6.57
N THR B 62 -14.66 -12.28 -6.73
CA THR B 62 -16.07 -12.44 -7.03
C THR B 62 -16.93 -11.92 -5.88
N TYR B 63 -16.50 -12.17 -4.63
CA TYR B 63 -17.25 -11.70 -3.48
C TYR B 63 -17.26 -10.17 -3.40
N LYS B 64 -16.10 -9.54 -3.63
CA LYS B 64 -16.02 -8.08 -3.55
C LYS B 64 -16.81 -7.42 -4.66
N VAL B 65 -16.72 -7.95 -5.88
CA VAL B 65 -17.36 -7.31 -7.02
C VAL B 65 -18.87 -7.51 -6.98
N ARG B 66 -19.32 -8.68 -6.54
CA ARG B 66 -20.76 -8.99 -6.55
C ARG B 66 -21.52 -8.18 -5.52
N TYR B 67 -21.01 -8.10 -4.29
CA TYR B 67 -21.77 -7.49 -3.21
C TYR B 67 -21.44 -6.02 -2.98
N THR B 68 -20.48 -5.45 -3.69
CA THR B 68 -20.28 -4.00 -3.66
C THR B 68 -21.60 -3.31 -3.97
N ASN B 69 -22.35 -2.97 -2.93
CA ASN B 69 -23.68 -2.37 -3.10
C ASN B 69 -24.15 -1.71 -1.80
N GLU B 73 -27.16 -5.35 3.69
CA GLU B 73 -26.69 -6.51 4.45
C GLU B 73 -25.91 -7.46 3.55
N ILE B 74 -24.60 -7.50 3.77
CA ILE B 74 -23.68 -8.32 2.97
C ILE B 74 -23.34 -9.58 3.77
N PRO B 75 -23.37 -10.76 3.17
CA PRO B 75 -22.98 -11.96 3.90
C PRO B 75 -21.48 -11.96 4.20
N GLU B 76 -21.14 -12.53 5.35
CA GLU B 76 -19.75 -12.50 5.81
C GLU B 76 -18.86 -13.38 4.94
N PHE B 77 -17.66 -12.90 4.66
CA PHE B 77 -16.66 -13.65 3.93
C PHE B 77 -15.94 -14.59 4.89
N PRO B 78 -16.10 -15.91 4.73
CA PRO B 78 -15.49 -16.83 5.68
C PRO B 78 -13.99 -16.96 5.45
N ILE B 79 -13.24 -16.99 6.56
CA ILE B 79 -11.79 -17.15 6.52
C ILE B 79 -11.41 -18.16 7.59
N ALA B 80 -10.85 -19.30 7.17
CA ALA B 80 -10.40 -20.29 8.13
C ALA B 80 -9.17 -19.78 8.87
N PRO B 81 -9.03 -20.10 10.17
CA PRO B 81 -7.87 -19.60 10.91
C PRO B 81 -6.54 -20.09 10.37
N GLU B 82 -6.51 -21.30 9.79
CA GLU B 82 -5.24 -21.86 9.32
C GLU B 82 -4.65 -21.08 8.16
N ILE B 83 -5.49 -20.45 7.34
CA ILE B 83 -5.02 -19.72 6.16
C ILE B 83 -4.93 -18.23 6.39
N ALA B 84 -5.32 -17.75 7.58
CA ALA B 84 -5.38 -16.31 7.82
C ALA B 84 -4.01 -15.66 7.72
N LEU B 85 -2.97 -16.34 8.22
CA LEU B 85 -1.63 -15.77 8.18
C LEU B 85 -1.15 -15.61 6.74
N GLU B 86 -1.27 -16.68 5.93
CA GLU B 86 -0.81 -16.62 4.55
C GLU B 86 -1.71 -15.73 3.71
N LEU B 87 -3.02 -15.74 3.96
CA LEU B 87 -3.93 -14.89 3.21
C LEU B 87 -3.67 -13.42 3.47
N LEU B 88 -3.27 -13.07 4.70
CA LEU B 88 -2.92 -11.68 4.99
C LEU B 88 -1.68 -11.24 4.22
N MET B 89 -0.69 -12.13 4.10
CA MET B 89 0.51 -11.81 3.35
C MET B 89 0.19 -11.58 1.87
N ALA B 90 -0.72 -12.37 1.32
CA ALA B 90 -1.10 -12.19 -0.08
C ALA B 90 -1.90 -10.92 -0.27
N ALA B 91 -2.84 -10.64 0.63
CA ALA B 91 -3.67 -9.45 0.50
C ALA B 91 -2.83 -8.17 0.60
N ASN B 92 -1.85 -8.16 1.50
CA ASN B 92 -0.96 -7.01 1.59
C ASN B 92 -0.13 -6.85 0.32
N PHE B 93 0.29 -7.96 -0.27
CA PHE B 93 1.07 -7.90 -1.51
C PHE B 93 0.19 -7.51 -2.69
N LEU B 94 -1.00 -8.12 -2.80
CA LEU B 94 -1.89 -7.85 -3.91
C LEU B 94 -2.61 -6.52 -3.80
N ASP B 95 -2.56 -5.86 -2.64
CA ASP B 95 -3.17 -4.55 -2.44
C ASP B 95 -4.67 -4.59 -2.74
N CYS B 96 -5.41 -5.19 -1.81
CA CYS B 96 -6.86 -5.32 -1.93
C CYS B 96 -7.53 -5.45 -0.58
N MET C 1 37.27 10.31 -7.07
CA MET C 1 35.99 9.97 -6.46
C MET C 1 35.16 9.08 -7.39
N ASP C 2 33.94 8.75 -6.96
CA ASP C 2 33.06 7.90 -7.76
C ASP C 2 32.19 8.74 -8.67
N VAL C 3 31.95 8.24 -9.87
CA VAL C 3 31.12 8.89 -10.87
C VAL C 3 29.96 7.96 -11.24
N PHE C 4 28.76 8.53 -11.33
CA PHE C 4 27.55 7.77 -11.58
C PHE C 4 27.02 8.10 -12.97
N LEU C 5 26.66 7.06 -13.73
CA LEU C 5 26.41 7.20 -15.16
C LEU C 5 25.09 6.54 -15.55
N MET C 6 24.59 6.95 -16.71
CA MET C 6 23.46 6.30 -17.38
C MET C 6 23.91 5.94 -18.80
N ILE C 7 24.06 4.65 -19.07
CA ILE C 7 24.44 4.17 -20.40
C ILE C 7 23.16 3.85 -21.15
N ARG C 8 22.89 4.61 -22.22
CA ARG C 8 21.61 4.58 -22.90
C ARG C 8 21.79 4.29 -24.38
N ARG C 9 20.98 3.36 -24.90
CA ARG C 9 20.89 3.11 -26.32
C ARG C 9 19.47 2.70 -26.65
N HIS C 10 18.83 3.40 -27.59
CA HIS C 10 17.44 3.13 -27.99
C HIS C 10 16.57 3.23 -26.75
N LYS C 11 15.83 2.18 -26.37
CA LYS C 11 14.99 2.21 -25.17
C LYS C 11 15.62 1.41 -24.03
N THR C 12 16.94 1.34 -24.00
CA THR C 12 17.67 0.64 -22.95
C THR C 12 18.50 1.65 -22.16
N THR C 13 18.42 1.57 -20.84
CA THR C 13 19.14 2.47 -19.95
C THR C 13 19.78 1.64 -18.85
N ILE C 14 21.10 1.77 -18.70
CA ILE C 14 21.85 1.03 -17.70
C ILE C 14 22.33 2.01 -16.64
N PHE C 15 21.90 1.79 -15.39
CA PHE C 15 22.35 2.57 -14.26
C PHE C 15 23.55 1.88 -13.64
N THR C 16 24.69 2.59 -13.59
CA THR C 16 25.91 2.03 -13.04
C THR C 16 26.79 3.14 -12.52
N ASP C 17 27.76 2.77 -11.68
CA ASP C 17 28.72 3.70 -11.14
C ASP C 17 30.13 3.19 -11.40
N ALA C 18 31.10 4.09 -11.26
CA ALA C 18 32.50 3.74 -11.47
C ALA C 18 33.36 4.81 -10.82
N LYS C 19 34.66 4.53 -10.75
CA LYS C 19 35.62 5.50 -10.24
C LYS C 19 35.95 6.53 -11.30
N GLU C 20 36.14 7.78 -10.88
CA GLU C 20 36.57 8.82 -11.81
C GLU C 20 37.91 8.48 -12.46
N SER C 21 38.75 7.71 -11.75
CA SER C 21 40.02 7.27 -12.28
C SER C 21 39.92 6.01 -13.14
N SER C 22 38.75 5.39 -13.20
CA SER C 22 38.57 4.20 -14.01
C SER C 22 38.50 4.56 -15.50
N THR C 23 38.80 3.59 -16.34
CA THR C 23 38.93 3.82 -17.77
C THR C 23 37.62 3.50 -18.49
N VAL C 24 37.51 4.02 -19.72
CA VAL C 24 36.33 3.78 -20.54
C VAL C 24 36.24 2.30 -20.91
N PHE C 25 37.38 1.64 -21.13
CA PHE C 25 37.36 0.22 -21.46
C PHE C 25 36.78 -0.61 -20.33
N GLU C 26 37.09 -0.25 -19.08
CA GLU C 26 36.48 -0.92 -17.95
C GLU C 26 34.97 -0.79 -17.97
N LEU C 27 34.45 0.34 -18.47
CA LEU C 27 33.01 0.51 -18.60
C LEU C 27 32.43 -0.43 -19.66
N LYS C 28 33.17 -0.63 -20.77
CA LYS C 28 32.71 -1.57 -21.80
C LYS C 28 32.61 -2.98 -21.27
N ARG C 29 33.50 -3.38 -20.35
CA ARG C 29 33.42 -4.73 -19.78
C ARG C 29 32.12 -4.93 -19.01
N ILE C 30 31.61 -3.87 -18.39
CA ILE C 30 30.34 -3.96 -17.67
C ILE C 30 29.18 -4.16 -18.65
N VAL C 31 29.17 -3.38 -19.73
CA VAL C 31 28.10 -3.49 -20.72
C VAL C 31 28.16 -4.83 -21.44
N GLU C 32 29.37 -5.38 -21.63
CA GLU C 32 29.48 -6.67 -22.30
C GLU C 32 28.80 -7.78 -21.52
N GLY C 33 28.97 -7.79 -20.19
CA GLY C 33 28.32 -8.78 -19.36
C GLY C 33 26.81 -8.65 -19.32
N ILE C 34 26.28 -7.48 -19.64
CA ILE C 34 24.85 -7.21 -19.57
C ILE C 34 24.18 -7.41 -20.92
N LEU C 35 24.73 -6.81 -21.99
CA LEU C 35 24.09 -6.81 -23.30
C LEU C 35 24.73 -7.80 -24.26
N LYS C 36 25.77 -8.53 -23.83
CA LYS C 36 26.37 -9.61 -24.61
C LYS C 36 26.94 -9.11 -25.93
N ARG C 37 27.59 -7.95 -25.90
CA ARG C 37 28.32 -7.43 -27.04
C ARG C 37 29.75 -7.13 -26.61
N PRO C 38 30.76 -7.57 -27.36
CA PRO C 38 32.15 -7.37 -26.93
C PRO C 38 32.56 -5.91 -27.05
N PRO C 39 33.65 -5.51 -26.38
CA PRO C 39 34.05 -4.09 -26.42
C PRO C 39 34.41 -3.59 -27.80
N ASP C 40 34.94 -4.44 -28.68
CA ASP C 40 35.29 -3.99 -30.02
C ASP C 40 34.07 -3.76 -30.90
N GLU C 41 32.88 -4.08 -30.41
CA GLU C 41 31.63 -3.77 -31.10
C GLU C 41 30.86 -2.65 -30.42
N GLN C 42 31.49 -1.96 -29.47
CA GLN C 42 30.84 -0.91 -28.70
C GLN C 42 31.53 0.44 -28.94
N ARG C 43 30.74 1.50 -28.89
CA ARG C 43 31.26 2.86 -28.90
C ARG C 43 30.52 3.66 -27.84
N LEU C 44 31.28 4.29 -26.94
CA LEU C 44 30.72 5.10 -25.86
C LEU C 44 30.86 6.58 -26.19
N TYR C 45 29.86 7.36 -25.81
CA TYR C 45 29.79 8.77 -26.14
C TYR C 45 29.50 9.60 -24.91
N LYS C 46 30.11 10.79 -24.85
CA LYS C 46 29.73 11.83 -23.91
C LYS C 46 29.13 12.97 -24.73
N ASP C 47 27.80 13.13 -24.62
CA ASP C 47 27.03 14.01 -25.49
C ASP C 47 27.19 13.51 -26.91
N ASP C 48 27.78 14.28 -27.83
CA ASP C 48 28.00 13.84 -29.20
C ASP C 48 29.48 13.56 -29.50
N GLN C 49 30.26 13.22 -28.48
CA GLN C 49 31.70 13.05 -28.63
C GLN C 49 32.09 11.61 -28.31
N LEU C 50 32.80 10.98 -29.24
CA LEU C 50 33.21 9.59 -29.09
C LEU C 50 34.38 9.50 -28.13
N LEU C 51 34.24 8.69 -27.08
CA LEU C 51 35.24 8.55 -26.04
C LEU C 51 36.30 7.53 -26.44
N ASP C 52 37.55 7.83 -26.11
CA ASP C 52 38.64 6.90 -26.36
C ASP C 52 38.66 5.80 -25.30
N ASP C 53 39.12 4.62 -25.70
CA ASP C 53 39.12 3.48 -24.78
C ASP C 53 40.08 3.69 -23.62
N GLY C 54 41.28 4.22 -23.89
CA GLY C 54 42.31 4.31 -22.89
C GLY C 54 42.25 5.52 -21.98
N LYS C 55 41.26 6.40 -22.14
CA LYS C 55 41.14 7.59 -21.31
C LYS C 55 40.27 7.28 -20.10
N THR C 56 40.67 7.82 -18.95
CA THR C 56 39.88 7.64 -17.74
C THR C 56 38.62 8.49 -17.81
N LEU C 57 37.66 8.17 -16.93
CA LEU C 57 36.41 8.93 -16.90
C LEU C 57 36.66 10.38 -16.51
N GLY C 58 37.62 10.62 -15.62
CA GLY C 58 37.97 11.99 -15.29
C GLY C 58 38.56 12.74 -16.47
N GLU C 59 39.41 12.07 -17.25
CA GLU C 59 40.00 12.68 -18.44
C GLU C 59 38.95 12.97 -19.50
N CYS C 60 37.89 12.17 -19.55
CA CYS C 60 36.82 12.36 -20.53
C CYS C 60 35.84 13.46 -20.13
N GLY C 61 36.03 14.09 -18.98
CA GLY C 61 35.12 15.12 -18.50
C GLY C 61 34.11 14.65 -17.46
N PHE C 62 34.05 13.35 -17.18
CA PHE C 62 33.16 12.83 -16.14
C PHE C 62 33.80 13.04 -14.78
N THR C 63 33.30 14.00 -14.02
CA THR C 63 33.77 14.27 -12.67
C THR C 63 32.64 14.00 -11.69
N SER C 64 33.02 13.74 -10.44
CA SER C 64 32.04 13.52 -9.39
C SER C 64 31.11 14.72 -9.24
N GLN C 65 31.59 15.92 -9.55
CA GLN C 65 30.77 17.12 -9.41
C GLN C 65 29.68 17.19 -10.47
N THR C 66 29.92 16.62 -11.65
CA THR C 66 28.99 16.72 -12.76
C THR C 66 28.17 15.46 -12.98
N ALA C 67 28.34 14.43 -12.14
CA ALA C 67 27.60 13.18 -12.29
C ALA C 67 27.31 12.64 -10.89
N ARG C 68 26.21 13.11 -10.31
CA ARG C 68 25.82 12.72 -8.97
C ARG C 68 24.91 11.50 -9.01
N PRO C 69 24.74 10.80 -7.87
CA PRO C 69 23.80 9.66 -7.86
C PRO C 69 22.38 10.05 -8.23
N GLN C 70 21.91 11.20 -7.77
CA GLN C 70 20.55 11.66 -8.08
C GLN C 70 20.44 12.30 -9.45
N ALA C 71 21.56 12.58 -10.11
CA ALA C 71 21.58 13.14 -11.46
C ALA C 71 22.75 12.56 -12.22
N PRO C 72 22.67 11.27 -12.58
CA PRO C 72 23.80 10.62 -13.24
C PRO C 72 23.97 11.13 -14.67
N ALA C 73 25.24 11.17 -15.10
CA ALA C 73 25.55 11.62 -16.45
C ALA C 73 25.13 10.58 -17.48
N THR C 74 24.67 11.06 -18.63
CA THR C 74 24.20 10.19 -19.71
C THR C 74 25.37 9.85 -20.63
N VAL C 75 25.54 8.56 -20.91
CA VAL C 75 26.59 8.07 -21.80
C VAL C 75 25.92 7.37 -22.97
N GLY C 76 26.17 7.87 -24.18
CA GLY C 76 25.59 7.25 -25.35
C GLY C 76 26.28 5.96 -25.72
N LEU C 77 25.49 5.02 -26.26
CA LEU C 77 25.99 3.70 -26.63
C LEU C 77 25.54 3.38 -28.05
N ALA C 78 26.47 2.87 -28.85
CA ALA C 78 26.19 2.44 -30.22
C ALA C 78 26.83 1.09 -30.47
N PHE C 79 26.16 0.25 -31.25
CA PHE C 79 26.66 -1.08 -31.55
C PHE C 79 27.22 -1.13 -32.97
N ARG C 80 28.06 -2.13 -33.21
CA ARG C 80 28.66 -2.37 -34.51
C ARG C 80 27.78 -3.32 -35.30
N ALA C 81 27.34 -2.89 -36.48
CA ALA C 81 26.55 -3.73 -37.38
C ALA C 81 27.51 -4.24 -38.44
N ASP C 82 28.10 -5.42 -38.18
CA ASP C 82 29.11 -6.01 -39.05
C ASP C 82 30.25 -5.04 -39.29
N ASP C 83 30.45 -4.64 -40.55
CA ASP C 83 31.62 -3.84 -40.92
C ASP C 83 31.61 -2.49 -40.20
N THR C 84 30.47 -1.80 -40.18
CA THR C 84 30.42 -0.42 -39.73
C THR C 84 29.62 -0.29 -38.44
N PHE C 85 29.63 0.92 -37.88
CA PHE C 85 28.89 1.25 -36.66
C PHE C 85 27.62 2.01 -36.99
N GLU C 86 26.52 1.58 -36.38
CA GLU C 86 25.24 2.29 -36.53
C GLU C 86 25.31 3.66 -35.86
N ALA C 87 24.44 4.56 -36.31
CA ALA C 87 24.37 5.90 -35.75
C ALA C 87 23.89 5.88 -34.30
N LEU C 88 24.39 6.84 -33.52
CA LEU C 88 23.96 6.97 -32.13
C LEU C 88 22.49 7.37 -32.06
N CYS C 89 21.71 6.61 -31.31
CA CYS C 89 20.27 6.87 -31.20
C CYS C 89 19.80 6.54 -29.79
N ILE C 90 19.32 7.54 -29.07
CA ILE C 90 18.81 7.39 -27.71
C ILE C 90 17.35 7.82 -27.72
N GLU C 91 16.45 6.86 -27.49
CA GLU C 91 15.02 7.17 -27.44
C GLU C 91 14.73 8.01 -26.21
N PRO C 92 14.11 9.18 -26.36
CA PRO C 92 13.85 10.03 -25.19
C PRO C 92 12.78 9.44 -24.29
N PHE C 93 12.89 9.78 -23.00
CA PHE C 93 11.86 9.39 -22.05
C PHE C 93 10.56 10.16 -22.32
N SER C 94 9.49 9.72 -21.67
CA SER C 94 8.21 10.40 -21.80
C SER C 94 8.28 11.79 -21.16
N SER C 95 7.21 12.55 -21.34
CA SER C 95 7.15 13.90 -20.78
C SER C 95 6.07 13.99 -19.72
N PRO C 96 6.27 14.81 -18.70
CA PRO C 96 5.26 14.98 -17.67
C PRO C 96 4.03 15.70 -18.25
N PRO C 97 2.84 15.46 -17.67
CA PRO C 97 1.64 16.12 -18.19
C PRO C 97 1.61 17.61 -17.86
N GLU C 98 0.58 18.31 -18.32
CA GLU C 98 0.46 19.73 -18.04
C GLU C 98 0.21 19.96 -16.54
N LEU C 99 0.75 21.05 -16.04
CA LEU C 99 0.60 21.39 -14.63
C LEU C 99 -0.85 21.76 -14.31
N PRO C 100 -1.37 21.35 -13.15
CA PRO C 100 -2.73 21.73 -12.79
C PRO C 100 -2.89 23.23 -12.64
N ASP C 101 -4.15 23.68 -12.67
CA ASP C 101 -4.46 25.10 -12.61
C ASP C 101 -4.22 25.71 -11.25
N VAL C 102 -4.01 24.89 -10.21
CA VAL C 102 -3.83 25.39 -8.85
C VAL C 102 -2.34 25.59 -8.59
N MET C 103 -1.52 25.55 -9.64
CA MET C 103 -0.09 25.74 -9.53
C MET C 103 0.33 26.86 -10.49
N LYS C 104 0.62 28.03 -9.93
CA LYS C 104 1.03 29.18 -10.73
C LYS C 104 2.50 29.10 -11.09
N MET D 1 23.80 -9.72 -9.30
CA MET D 1 23.69 -9.53 -10.73
C MET D 1 22.89 -8.28 -11.07
N TYR D 2 22.24 -8.28 -12.23
CA TYR D 2 21.43 -7.17 -12.69
C TYR D 2 19.98 -7.63 -12.90
N VAL D 3 19.06 -6.67 -12.79
CA VAL D 3 17.65 -6.91 -13.03
C VAL D 3 17.17 -5.88 -14.04
N LYS D 4 16.14 -6.25 -14.80
CA LYS D 4 15.61 -5.41 -15.87
C LYS D 4 14.23 -4.90 -15.47
N LEU D 5 14.08 -3.58 -15.45
CA LEU D 5 12.80 -2.93 -15.17
C LEU D 5 12.30 -2.28 -16.44
N ILE D 6 11.07 -2.61 -16.83
CA ILE D 6 10.47 -2.15 -18.07
C ILE D 6 9.30 -1.22 -17.74
N SER D 7 9.27 -0.07 -18.39
CA SER D 7 8.21 0.91 -18.16
C SER D 7 7.03 0.62 -19.07
N SER D 8 6.01 1.48 -19.01
CA SER D 8 4.83 1.29 -19.84
C SER D 8 5.13 1.49 -21.32
N ASP D 9 6.03 2.42 -21.63
CA ASP D 9 6.38 2.71 -23.02
C ASP D 9 7.53 1.84 -23.53
N GLY D 10 7.91 0.80 -22.79
CA GLY D 10 8.92 -0.14 -23.24
C GLY D 10 10.34 0.25 -22.95
N HIS D 11 10.59 1.32 -22.19
CA HIS D 11 11.96 1.67 -21.84
C HIS D 11 12.51 0.68 -20.82
N GLU D 12 13.70 0.16 -21.10
CA GLU D 12 14.34 -0.83 -20.26
C GLU D 12 15.36 -0.15 -19.34
N PHE D 13 15.24 -0.39 -18.04
CA PHE D 13 16.15 0.15 -17.05
C PHE D 13 16.83 -1.01 -16.34
N ILE D 14 18.13 -1.15 -16.53
CA ILE D 14 18.92 -2.24 -15.97
C ILE D 14 19.69 -1.68 -14.78
N VAL D 15 19.35 -2.16 -13.58
CA VAL D 15 19.97 -1.70 -12.35
C VAL D 15 20.52 -2.89 -11.59
N LYS D 16 21.42 -2.61 -10.65
CA LYS D 16 21.98 -3.63 -9.80
C LYS D 16 20.88 -4.27 -8.95
N ARG D 17 20.95 -5.60 -8.78
CA ARG D 17 19.92 -6.31 -8.03
C ARG D 17 19.84 -5.82 -6.59
N GLU D 18 21.00 -5.56 -5.96
CA GLU D 18 21.01 -5.05 -4.60
C GLU D 18 20.36 -3.68 -4.50
N HIS D 19 20.48 -2.86 -5.55
CA HIS D 19 19.86 -1.54 -5.54
C HIS D 19 18.35 -1.64 -5.65
N ALA D 20 17.85 -2.57 -6.47
CA ALA D 20 16.41 -2.73 -6.66
C ALA D 20 15.72 -3.25 -5.41
N LEU D 21 16.44 -3.94 -4.53
CA LEU D 21 15.83 -4.47 -3.31
C LEU D 21 15.41 -3.36 -2.34
N THR D 22 15.76 -2.10 -2.63
CA THR D 22 15.24 -1.00 -1.84
C THR D 22 13.72 -0.98 -1.85
N SER D 23 13.13 -1.20 -3.03
CA SER D 23 11.69 -1.26 -3.14
C SER D 23 11.17 -2.55 -2.52
N GLY D 24 10.26 -2.42 -1.55
CA GLY D 24 9.70 -3.61 -0.93
C GLY D 24 8.91 -4.48 -1.90
N THR D 25 8.27 -3.86 -2.89
CA THR D 25 7.54 -4.64 -3.88
C THR D 25 8.48 -5.46 -4.75
N ILE D 26 9.51 -4.80 -5.31
CA ILE D 26 10.50 -5.51 -6.11
C ILE D 26 11.21 -6.57 -5.28
N LYS D 27 11.53 -6.24 -4.02
CA LYS D 27 12.14 -7.22 -3.13
C LYS D 27 11.26 -8.45 -2.95
N ALA D 28 9.94 -8.27 -2.97
CA ALA D 28 9.03 -9.40 -2.81
C ALA D 28 8.97 -10.25 -4.07
N MET D 29 9.15 -9.64 -5.24
CA MET D 29 9.06 -10.37 -6.50
C MET D 29 10.41 -10.38 -7.22
N ASN D 42 14.45 -12.22 -13.54
CA ASN D 42 15.50 -11.25 -13.80
C ASN D 42 14.97 -10.05 -14.58
N GLU D 43 13.65 -10.06 -14.84
CA GLU D 43 13.00 -9.00 -15.59
C GLU D 43 11.64 -8.73 -14.97
N VAL D 44 11.32 -7.46 -14.76
CA VAL D 44 10.03 -7.03 -14.20
C VAL D 44 9.40 -6.03 -15.15
N ASN D 45 8.11 -6.17 -15.38
CA ASN D 45 7.36 -5.30 -16.28
C ASN D 45 6.41 -4.44 -15.46
N PHE D 46 6.51 -3.12 -15.63
CA PHE D 46 5.67 -2.15 -14.92
C PHE D 46 4.83 -1.41 -15.97
N ARG D 47 3.73 -2.05 -16.39
CA ARG D 47 2.86 -1.50 -17.42
C ARG D 47 2.12 -0.24 -16.97
N GLU D 48 2.30 0.19 -15.72
CA GLU D 48 1.59 1.36 -15.20
C GLU D 48 2.51 2.52 -14.87
N ILE D 49 3.81 2.37 -15.04
CA ILE D 49 4.78 3.40 -14.68
C ILE D 49 5.45 3.89 -15.98
N PRO D 50 5.37 5.17 -16.30
CA PRO D 50 6.06 5.69 -17.49
C PRO D 50 7.56 5.73 -17.28
N SER D 51 8.28 5.97 -18.38
CA SER D 51 9.74 5.89 -18.36
C SER D 51 10.35 7.03 -17.53
N HIS D 52 9.81 8.24 -17.65
CA HIS D 52 10.38 9.37 -16.93
C HIS D 52 10.22 9.24 -15.42
N VAL D 53 9.25 8.45 -14.96
CA VAL D 53 9.10 8.20 -13.53
C VAL D 53 9.98 7.05 -13.07
N LEU D 54 10.04 5.97 -13.85
CA LEU D 54 10.85 4.82 -13.48
C LEU D 54 12.34 5.17 -13.44
N SER D 55 12.78 6.06 -14.31
CA SER D 55 14.18 6.50 -14.28
C SER D 55 14.49 7.22 -12.98
N LYS D 56 13.57 8.05 -12.50
CA LYS D 56 13.79 8.75 -11.24
C LYS D 56 13.83 7.80 -10.06
N VAL D 57 13.01 6.74 -10.09
CA VAL D 57 13.05 5.76 -9.01
C VAL D 57 14.40 5.08 -8.96
N CYS D 58 14.96 4.75 -10.13
CA CYS D 58 16.30 4.16 -10.16
C CYS D 58 17.34 5.12 -9.60
N MET D 59 17.15 6.42 -9.81
CA MET D 59 18.05 7.41 -9.22
C MET D 59 17.91 7.41 -7.70
N TYR D 60 16.70 7.23 -7.19
CA TYR D 60 16.51 7.17 -5.75
C TYR D 60 17.18 5.94 -5.17
N PHE D 61 17.13 4.81 -5.89
CA PHE D 61 17.84 3.61 -5.46
C PHE D 61 19.33 3.91 -5.32
N THR D 62 19.93 4.50 -6.36
CA THR D 62 21.33 4.91 -6.27
C THR D 62 21.53 5.95 -5.18
N TYR D 63 20.57 6.86 -5.01
CA TYR D 63 20.67 7.88 -3.97
C TYR D 63 20.63 7.25 -2.58
N LYS D 64 19.71 6.32 -2.36
CA LYS D 64 19.60 5.70 -1.04
C LYS D 64 20.80 4.80 -0.76
N VAL D 65 21.27 4.06 -1.77
CA VAL D 65 22.38 3.13 -1.56
C VAL D 65 23.68 3.88 -1.35
N ARG D 66 23.86 5.01 -2.04
CA ARG D 66 25.11 5.75 -1.91
C ARG D 66 25.26 6.34 -0.51
N TYR D 67 24.19 6.90 0.03
CA TYR D 67 24.24 7.58 1.32
C TYR D 67 23.82 6.65 2.46
N THR D 68 23.46 5.41 2.16
CA THR D 68 23.22 4.39 3.17
C THR D 68 24.36 4.33 4.17
N ASN D 69 24.01 4.41 5.46
CA ASN D 69 24.98 4.43 6.56
C ASN D 69 26.00 5.55 6.37
N SER D 70 25.49 6.77 6.19
CA SER D 70 26.35 7.94 6.00
C SER D 70 25.60 9.22 6.36
N GLU D 73 25.75 14.99 7.11
CA GLU D 73 25.03 15.91 6.24
C GLU D 73 24.76 15.27 4.88
N ILE D 74 23.50 14.93 4.62
CA ILE D 74 23.09 14.28 3.38
C ILE D 74 22.46 15.32 2.47
N PRO D 75 22.83 15.38 1.19
CA PRO D 75 22.18 16.33 0.28
C PRO D 75 20.75 15.91 -0.02
N GLU D 76 19.91 16.91 -0.23
CA GLU D 76 18.49 16.66 -0.47
C GLU D 76 18.28 16.02 -1.84
N PHE D 77 17.35 15.08 -1.92
CA PHE D 77 17.00 14.44 -3.18
C PHE D 77 16.05 15.34 -3.95
N PRO D 78 16.47 15.87 -5.10
CA PRO D 78 15.61 16.82 -5.83
C PRO D 78 14.47 16.12 -6.55
N ILE D 79 13.29 16.74 -6.47
CA ILE D 79 12.09 16.25 -7.14
C ILE D 79 11.40 17.42 -7.82
N ALA D 80 11.28 17.36 -9.14
CA ALA D 80 10.61 18.42 -9.87
C ALA D 80 9.11 18.38 -9.59
N PRO D 81 8.45 19.54 -9.52
CA PRO D 81 7.01 19.55 -9.21
C PRO D 81 6.15 18.84 -10.25
N GLU D 82 6.57 18.85 -11.52
CA GLU D 82 5.73 18.26 -12.57
C GLU D 82 5.60 16.75 -12.41
N ILE D 83 6.61 16.09 -11.85
CA ILE D 83 6.60 14.63 -11.72
C ILE D 83 6.22 14.17 -10.32
N ALA D 84 5.97 15.09 -9.39
CA ALA D 84 5.74 14.71 -8.00
C ALA D 84 4.49 13.84 -7.85
N LEU D 85 3.43 14.18 -8.60
CA LEU D 85 2.20 13.39 -8.53
C LEU D 85 2.42 11.98 -9.06
N GLU D 86 3.05 11.87 -10.23
CA GLU D 86 3.28 10.54 -10.81
C GLU D 86 4.31 9.76 -10.00
N LEU D 87 5.33 10.44 -9.48
CA LEU D 87 6.32 9.76 -8.66
C LEU D 87 5.72 9.23 -7.36
N LEU D 88 4.74 9.95 -6.79
CA LEU D 88 4.07 9.46 -5.60
C LEU D 88 3.27 8.20 -5.89
N MET D 89 2.65 8.12 -7.07
CA MET D 89 1.90 6.92 -7.43
C MET D 89 2.83 5.72 -7.54
N ALA D 90 4.03 5.92 -8.11
CA ALA D 90 4.98 4.82 -8.23
C ALA D 90 5.57 4.45 -6.87
N ALA D 91 5.92 5.44 -6.05
CA ALA D 91 6.54 5.16 -4.76
C ALA D 91 5.59 4.40 -3.84
N ASN D 92 4.30 4.77 -3.84
CA ASN D 92 3.34 4.04 -3.02
C ASN D 92 3.17 2.61 -3.51
N PHE D 93 3.21 2.39 -4.83
CA PHE D 93 3.08 1.04 -5.36
C PHE D 93 4.33 0.22 -5.10
N LEU D 94 5.51 0.82 -5.32
CA LEU D 94 6.76 0.09 -5.13
C LEU D 94 7.12 -0.10 -3.67
N ASP D 95 6.43 0.58 -2.76
CA ASP D 95 6.64 0.45 -1.31
C ASP D 95 8.09 0.74 -0.92
N THR E 23 -3.20 13.32 15.94
CA THR E 23 -1.86 13.85 16.13
C THR E 23 -0.88 12.74 16.51
N SER E 24 -1.34 11.82 17.35
CA SER E 24 -0.50 10.70 17.76
C SER E 24 -0.03 9.88 16.57
N SER E 25 -0.90 9.66 15.59
CA SER E 25 -0.50 8.99 14.37
C SER E 25 0.52 9.81 13.60
N MET E 26 0.33 11.14 13.56
CA MET E 26 1.30 12.01 12.88
C MET E 26 2.61 12.09 13.65
N LEU E 27 2.57 11.94 14.97
CA LEU E 27 3.80 11.94 15.76
C LEU E 27 4.71 10.79 15.35
N ASP E 28 4.14 9.61 15.11
CA ASP E 28 4.92 8.48 14.63
C ASP E 28 5.21 8.57 13.14
N THR E 29 4.34 9.24 12.37
CA THR E 29 4.57 9.38 10.94
C THR E 29 5.81 10.22 10.66
N CYS E 30 5.93 11.36 11.33
CA CYS E 30 7.13 12.17 11.20
C CYS E 30 8.30 11.47 11.89
N GLY E 31 9.51 11.81 11.45
CA GLY E 31 10.71 11.17 11.96
C GLY E 31 11.35 11.90 13.12
N PHE E 32 11.03 13.19 13.27
CA PHE E 32 11.74 14.07 14.19
C PHE E 32 11.12 14.14 15.58
N TYR E 33 10.22 13.23 15.94
CA TYR E 33 9.71 13.16 17.30
C TYR E 33 10.54 12.18 18.12
N TRP E 34 11.14 12.67 19.20
CA TRP E 34 12.06 11.88 20.01
C TRP E 34 11.51 11.48 21.38
N GLY E 35 10.25 11.81 21.67
CA GLY E 35 9.63 11.42 22.91
C GLY E 35 10.30 12.01 24.14
N PRO E 36 10.29 11.26 25.25
CA PRO E 36 10.92 11.75 26.48
C PRO E 36 12.44 11.84 26.32
N MET E 37 12.95 13.06 26.39
CA MET E 37 14.37 13.30 26.18
C MET E 37 14.84 14.45 27.06
N ASP E 38 16.03 14.31 27.63
CA ASP E 38 16.58 15.35 28.48
C ASP E 38 17.05 16.52 27.63
N VAL E 39 16.88 17.74 28.16
CA VAL E 39 17.27 18.94 27.43
C VAL E 39 18.78 18.96 27.19
N ASN E 40 19.56 18.53 28.18
CA ASN E 40 21.00 18.60 28.05
C ASN E 40 21.51 17.64 26.97
N VAL E 41 21.00 16.40 26.97
CA VAL E 41 21.45 15.44 25.96
C VAL E 41 20.87 15.80 24.59
N ALA E 42 19.70 16.45 24.56
CA ALA E 42 19.15 16.93 23.30
C ALA E 42 20.02 18.02 22.70
N HIS E 43 20.53 18.93 23.54
CA HIS E 43 21.42 19.97 23.05
C HIS E 43 22.78 19.41 22.64
N ASP E 44 23.24 18.35 23.31
CA ASP E 44 24.50 17.73 22.92
C ASP E 44 24.36 17.05 21.56
N LYS E 45 23.15 16.63 21.19
CA LYS E 45 22.91 16.07 19.87
C LYS E 45 22.96 17.15 18.80
N LEU E 46 22.47 18.34 19.11
CA LEU E 46 22.36 19.43 18.13
C LEU E 46 23.68 20.15 17.87
N LYS E 47 24.66 20.01 18.76
CA LYS E 47 25.92 20.74 18.57
C LYS E 47 26.60 20.36 17.26
N SER E 48 26.38 19.15 16.75
CA SER E 48 26.91 18.72 15.47
C SER E 48 25.98 19.03 14.31
N GLU E 49 24.76 19.55 14.58
CA GLU E 49 23.81 19.84 13.52
C GLU E 49 23.94 21.29 13.05
N PRO E 50 23.55 21.58 11.81
CA PRO E 50 23.60 22.95 11.31
C PRO E 50 22.60 23.84 12.03
N ILE E 51 22.73 25.15 11.78
CA ILE E 51 21.88 26.13 12.44
C ILE E 51 20.45 25.98 11.93
N GLY E 52 19.50 26.00 12.86
CA GLY E 52 18.10 25.86 12.54
C GLY E 52 17.57 24.44 12.59
N THR E 53 18.40 23.46 12.92
CA THR E 53 17.96 22.07 13.01
C THR E 53 17.26 21.86 14.34
N PHE E 54 15.98 21.50 14.29
CA PHE E 54 15.14 21.35 15.47
C PHE E 54 14.80 19.88 15.71
N LEU E 55 14.05 19.65 16.80
CA LEU E 55 13.64 18.33 17.22
C LEU E 55 12.53 18.49 18.25
N ILE E 56 11.63 17.51 18.29
CA ILE E 56 10.50 17.51 19.21
C ILE E 56 10.73 16.47 20.28
N ARG E 57 10.41 16.82 21.53
CA ARG E 57 10.55 15.90 22.66
C ARG E 57 9.43 16.19 23.65
N ASP E 58 9.25 15.27 24.58
CA ASP E 58 8.22 15.41 25.60
C ASP E 58 8.64 16.39 26.70
N SER E 59 7.63 16.98 27.34
CA SER E 59 7.83 17.90 28.46
C SER E 59 7.07 17.37 29.68
N LYS E 60 7.76 17.33 30.83
CA LYS E 60 7.13 16.86 32.06
C LYS E 60 6.15 17.87 32.66
N GLN E 61 6.11 19.10 32.14
CA GLN E 61 5.20 20.11 32.66
C GLN E 61 3.74 19.71 32.42
N LYS E 62 2.85 20.37 33.15
CA LYS E 62 1.42 20.08 33.04
C LYS E 62 0.79 20.85 31.88
N ASN E 63 1.04 22.15 31.79
CA ASN E 63 0.53 22.92 30.67
C ASN E 63 1.25 22.57 29.38
N CYS E 64 2.52 22.17 29.46
CA CYS E 64 3.34 21.91 28.29
C CYS E 64 3.58 20.41 28.16
N PHE E 65 3.08 19.83 27.07
CA PHE E 65 3.29 18.42 26.78
C PHE E 65 4.61 18.17 26.09
N PHE E 66 4.96 19.02 25.13
CA PHE E 66 6.13 18.82 24.28
C PHE E 66 7.05 20.04 24.36
N ALA E 67 8.31 19.81 24.03
CA ALA E 67 9.31 20.87 23.94
C ALA E 67 10.06 20.73 22.63
N ILE E 68 10.47 21.87 22.08
CA ILE E 68 11.21 21.92 20.82
C ILE E 68 12.60 22.47 21.10
N SER E 69 13.62 21.66 20.80
CA SER E 69 15.01 22.08 20.95
C SER E 69 15.57 22.36 19.56
N VAL E 70 15.94 23.62 19.32
CA VAL E 70 16.49 24.02 18.02
C VAL E 70 17.82 24.73 18.27
N LYS E 71 18.73 24.59 17.32
CA LYS E 71 20.02 25.28 17.33
C LYS E 71 19.89 26.53 16.47
N THR E 72 19.88 27.70 17.12
CA THR E 72 19.78 28.96 16.42
C THR E 72 21.16 29.44 15.99
N ALA E 73 21.20 30.57 15.29
CA ALA E 73 22.47 31.13 14.85
C ALA E 73 23.34 31.52 16.03
N ARG E 74 22.74 32.05 17.10
CA ARG E 74 23.52 32.48 18.24
C ARG E 74 23.83 31.31 19.19
N GLU E 75 22.85 30.48 19.47
CA GLU E 75 23.00 29.43 20.48
C GLU E 75 21.88 28.41 20.31
N THR E 76 21.94 27.36 21.10
CA THR E 76 20.92 26.31 21.11
C THR E 76 19.88 26.64 22.18
N VAL E 77 18.62 26.74 21.79
CA VAL E 77 17.55 27.08 22.70
C VAL E 77 16.58 25.92 22.82
N SER E 78 15.95 25.81 23.99
CA SER E 78 14.90 24.82 24.23
C SER E 78 13.64 25.57 24.61
N ILE E 79 12.60 25.43 23.82
CA ILE E 79 11.34 26.14 24.01
C ILE E 79 10.25 25.12 24.32
N ARG E 80 9.45 25.40 25.35
CA ARG E 80 8.32 24.54 25.66
C ARG E 80 7.13 24.89 24.78
N ILE E 81 6.27 23.91 24.55
CA ILE E 81 5.07 24.08 23.73
C ILE E 81 3.86 23.87 24.64
N LYS E 82 3.01 24.90 24.73
CA LYS E 82 1.86 24.86 25.60
C LYS E 82 0.63 24.37 24.84
N PHE E 83 -0.16 23.52 25.51
CA PHE E 83 -1.41 23.01 24.96
C PHE E 83 -2.54 23.41 25.89
N HIS E 84 -3.50 24.15 25.36
CA HIS E 84 -4.62 24.66 26.16
C HIS E 84 -5.89 24.55 25.33
N ALA E 85 -6.76 23.61 25.71
CA ALA E 85 -8.09 23.46 25.11
C ALA E 85 -8.01 23.27 23.60
N GLY E 86 -7.15 22.35 23.17
CA GLY E 86 -7.05 22.02 21.76
C GLY E 86 -6.22 22.96 20.93
N LYS E 87 -5.49 23.90 21.54
CA LYS E 87 -4.69 24.86 20.81
C LYS E 87 -3.24 24.77 21.28
N PHE E 88 -2.32 24.73 20.33
CA PHE E 88 -0.89 24.67 20.62
C PHE E 88 -0.27 26.05 20.51
N SER E 89 0.59 26.38 21.49
CA SER E 89 1.29 27.65 21.51
C SER E 89 2.73 27.43 21.94
N LEU E 90 3.59 28.36 21.55
CA LEU E 90 4.97 28.34 22.00
C LEU E 90 5.07 28.94 23.39
N ASP E 91 6.21 28.70 24.04
CA ASP E 91 6.43 29.19 25.39
C ASP E 91 6.50 30.72 25.39
N GLY E 92 5.54 31.36 26.04
CA GLY E 92 5.52 32.81 26.09
C GLY E 92 5.26 33.46 24.75
N SER E 93 4.43 32.83 23.91
CA SER E 93 4.09 33.35 22.60
C SER E 93 2.57 33.42 22.47
N LYS E 94 2.08 34.48 21.85
CA LYS E 94 0.66 34.71 21.68
C LYS E 94 0.09 34.07 20.42
N GLU E 95 0.92 33.39 19.63
CA GLU E 95 0.46 32.75 18.40
C GLU E 95 0.03 31.32 18.73
N LEU E 96 -1.26 31.04 18.54
CA LEU E 96 -1.83 29.72 18.77
C LEU E 96 -1.97 28.97 17.46
N PHE E 97 -1.95 27.64 17.55
CA PHE E 97 -2.14 26.79 16.38
C PHE E 97 -2.95 25.58 16.78
N SER E 98 -3.80 25.11 15.86
CA SER E 98 -4.66 23.97 16.15
C SER E 98 -3.86 22.67 16.16
N CYS E 99 -2.93 22.52 15.22
CA CYS E 99 -2.09 21.33 15.14
C CYS E 99 -0.68 21.67 15.60
N LEU E 100 0.01 20.66 16.16
CA LEU E 100 1.38 20.86 16.58
C LEU E 100 2.30 21.07 15.39
N PHE E 101 2.04 20.35 14.29
CA PHE E 101 2.84 20.50 13.09
C PHE E 101 2.47 21.74 12.28
N GLN E 102 1.26 22.28 12.46
CA GLN E 102 0.96 23.61 11.93
C GLN E 102 1.82 24.67 12.61
N LEU E 103 2.13 24.46 13.89
CA LEU E 103 3.06 25.35 14.58
C LEU E 103 4.47 25.22 14.01
N VAL E 104 4.89 23.99 13.70
CA VAL E 104 6.23 23.77 13.15
C VAL E 104 6.33 24.38 11.75
N GLU E 105 5.32 24.14 10.91
CA GLU E 105 5.37 24.64 9.53
C GLU E 105 5.38 26.16 9.49
N HIS E 106 4.67 26.81 10.40
CA HIS E 106 4.60 28.27 10.39
C HIS E 106 5.98 28.89 10.57
N TYR E 107 6.70 28.46 11.60
CA TYR E 107 8.05 28.96 11.85
C TYR E 107 9.06 28.40 10.87
N MET E 108 8.66 27.41 10.06
CA MET E 108 9.55 26.79 9.07
C MET E 108 9.53 27.51 7.73
N THR E 109 8.39 28.09 7.34
CA THR E 109 8.24 28.76 6.05
C THR E 109 8.40 30.28 6.13
N SER E 110 8.11 30.87 7.29
CA SER E 110 8.16 32.32 7.48
C SER E 110 9.58 32.83 7.22
N PRO E 111 9.73 34.12 6.87
CA PRO E 111 11.08 34.60 6.49
C PRO E 111 12.16 34.32 7.54
N LYS E 112 11.85 34.55 8.83
CA LYS E 112 12.77 34.22 9.93
C LYS E 112 12.77 32.71 10.06
N LYS E 113 13.54 32.06 9.18
CA LYS E 113 13.64 30.60 9.12
C LYS E 113 14.30 30.03 10.36
N MET E 114 13.75 30.37 11.54
CA MET E 114 14.23 29.80 12.80
C MET E 114 14.25 28.28 12.73
N LEU E 115 13.24 27.69 12.09
CA LEU E 115 13.22 26.26 11.83
C LEU E 115 13.44 26.05 10.34
N VAL E 116 14.37 25.14 10.01
CA VAL E 116 14.69 24.88 8.61
C VAL E 116 14.61 23.38 8.32
N SER E 117 15.33 22.57 9.10
CA SER E 117 15.37 21.14 8.86
C SER E 117 15.14 20.38 10.16
N PRO E 118 14.39 19.27 10.10
CA PRO E 118 14.18 18.46 11.32
C PRO E 118 15.14 17.29 11.41
N LEU E 119 15.67 17.04 12.61
CA LEU E 119 16.58 15.93 12.84
C LEU E 119 15.77 14.65 13.06
N ARG E 120 15.65 13.84 12.02
CA ARG E 120 14.94 12.57 12.12
C ARG E 120 15.86 11.44 12.55
N LYS E 121 15.25 10.40 13.12
CA LYS E 121 15.99 9.22 13.53
C LYS E 121 16.64 8.53 12.33
N VAL E 122 15.94 8.50 11.19
CA VAL E 122 16.47 7.92 9.96
C VAL E 122 16.72 9.04 8.96
N ARG E 123 17.99 9.21 8.59
CA ARG E 123 18.38 10.33 7.74
C ARG E 123 17.83 10.19 6.33
N LEU E 124 17.72 8.97 5.82
CA LEU E 124 17.23 8.74 4.46
C LEU E 124 15.72 8.48 4.51
N ARG E 125 14.95 9.43 3.99
CA ARG E 125 13.51 9.27 4.04
C ARG E 125 13.02 8.50 2.82
N PRO E 126 11.89 7.78 2.96
CA PRO E 126 11.32 7.09 1.81
C PRO E 126 10.89 8.06 0.72
N LEU E 127 10.74 7.52 -0.49
CA LEU E 127 10.32 8.34 -1.62
C LEU E 127 8.91 8.89 -1.41
N GLN E 128 8.06 8.18 -0.68
CA GLN E 128 6.70 8.66 -0.43
C GLN E 128 6.71 9.96 0.36
N GLU E 129 7.57 10.06 1.38
CA GLU E 129 7.63 11.28 2.17
C GLU E 129 8.19 12.45 1.36
N LEU E 130 9.21 12.20 0.54
CA LEU E 130 9.79 13.28 -0.25
C LEU E 130 8.82 13.77 -1.31
N CYS E 131 8.02 12.86 -1.88
CA CYS E 131 6.99 13.28 -2.82
C CYS E 131 5.88 14.05 -2.11
N ARG E 132 5.45 13.57 -0.94
CA ARG E 132 4.42 14.25 -0.18
C ARG E 132 4.82 15.68 0.14
N LYS E 133 6.07 15.87 0.62
CA LYS E 133 6.54 17.20 0.95
C LYS E 133 6.60 18.11 -0.28
N SER E 134 6.92 17.55 -1.45
CA SER E 134 7.01 18.38 -2.65
C SER E 134 5.63 18.77 -3.18
N ILE E 135 4.66 17.87 -3.08
CA ILE E 135 3.31 18.20 -3.54
C ILE E 135 2.72 19.34 -2.72
N LEU E 136 2.88 19.29 -1.40
CA LEU E 136 2.34 20.34 -0.54
C LEU E 136 3.11 21.64 -0.69
N ALA E 137 4.41 21.56 -0.99
CA ALA E 137 5.21 22.77 -1.11
C ALA E 137 4.83 23.58 -2.34
N THR E 138 4.41 22.92 -3.42
CA THR E 138 4.07 23.58 -4.67
C THR E 138 2.59 23.87 -4.82
N PHE E 139 1.71 22.98 -4.33
CA PHE E 139 0.27 23.19 -4.42
C PHE E 139 -0.30 23.75 -3.12
N GLY E 140 0.10 23.21 -1.97
CA GLY E 140 -0.39 23.69 -0.70
C GLY E 140 -1.49 22.81 -0.14
N ARG E 141 -1.67 22.92 1.18
CA ARG E 141 -2.75 22.22 1.87
C ARG E 141 -4.13 22.73 1.45
N GLN E 142 -4.19 23.88 0.76
CA GLN E 142 -5.47 24.44 0.35
C GLN E 142 -6.15 23.57 -0.69
N ASN E 143 -5.40 23.13 -1.70
CA ASN E 143 -5.94 22.31 -2.78
C ASN E 143 -6.06 20.86 -2.34
N LEU E 144 -6.70 20.63 -1.19
CA LEU E 144 -6.77 19.30 -0.60
C LEU E 144 -7.32 18.26 -1.57
N ASP E 145 -8.52 18.47 -2.09
CA ASP E 145 -9.15 17.52 -3.01
C ASP E 145 -9.18 18.00 -4.45
N SER E 146 -8.68 19.21 -4.74
CA SER E 146 -8.71 19.75 -6.09
C SER E 146 -7.48 19.37 -6.91
N ILE E 147 -6.75 18.35 -6.48
CA ILE E 147 -5.53 17.89 -7.16
C ILE E 147 -5.86 16.59 -7.88
N PRO E 148 -5.35 16.39 -9.10
CA PRO E 148 -5.62 15.14 -9.82
C PRO E 148 -4.93 13.92 -9.21
N LEU E 149 -5.34 13.53 -8.00
CA LEU E 149 -4.82 12.34 -7.33
C LEU E 149 -5.98 11.44 -6.88
N ASN E 150 -5.71 10.14 -6.76
CA ASN E 150 -6.73 9.21 -6.29
C ASN E 150 -6.97 9.42 -4.79
N ARG E 151 -7.99 8.72 -4.27
CA ARG E 151 -8.40 8.95 -2.88
C ARG E 151 -7.39 8.39 -1.88
N VAL E 152 -6.88 7.17 -2.13
CA VAL E 152 -5.97 6.54 -1.18
C VAL E 152 -4.68 7.36 -1.05
N LEU E 153 -4.22 7.95 -2.15
CA LEU E 153 -3.02 8.76 -2.10
C LEU E 153 -3.29 10.11 -1.45
N LYS E 154 -4.50 10.65 -1.62
CA LYS E 154 -4.88 11.87 -0.93
C LYS E 154 -4.87 11.65 0.58
N ASP E 155 -5.23 10.45 1.04
CA ASP E 155 -5.19 10.14 2.46
C ASP E 155 -3.77 10.15 2.99
N TYR E 156 -2.81 9.70 2.20
CA TYR E 156 -1.41 9.77 2.61
C TYR E 156 -0.93 11.22 2.68
N LEU E 157 -1.37 12.05 1.74
CA LEU E 157 -1.02 13.47 1.79
C LEU E 157 -1.71 14.16 2.96
N LYS E 158 -2.97 13.81 3.23
CA LYS E 158 -3.70 14.41 4.34
C LYS E 158 -3.32 13.82 5.70
N SER E 159 -2.63 12.68 5.72
CA SER E 159 -2.18 12.12 6.99
C SER E 159 -1.07 12.96 7.62
N PHE E 160 -0.27 13.62 6.79
CA PHE E 160 0.81 14.49 7.26
C PHE E 160 1.05 15.58 6.23
N PRO E 161 0.05 16.63 6.12
CA PRO E 161 0.15 17.67 5.06
C PRO E 161 1.02 18.85 5.49
N PHE E 162 2.32 18.61 5.57
CA PHE E 162 3.28 19.63 5.99
C PHE E 162 4.60 19.44 5.26
N GLN E 163 5.31 20.53 5.04
CA GLN E 163 6.63 20.48 4.43
C GLN E 163 7.67 20.00 5.43
N ARG F 12 -6.00 19.02 30.04
CA ARG F 12 -5.64 18.77 31.44
C ARG F 12 -5.49 17.29 31.68
N SER F 13 -5.19 16.94 32.93
CA SER F 13 -5.22 15.59 33.47
C SER F 13 -3.99 14.74 33.12
N HIS F 14 -3.12 15.23 32.23
CA HIS F 14 -1.85 14.62 31.77
C HIS F 14 -2.00 13.71 30.55
N SER F 15 -1.76 12.41 30.74
CA SER F 15 -1.79 11.48 29.59
C SER F 15 -3.19 11.28 29.02
N ASP F 16 -4.23 11.96 29.54
CA ASP F 16 -5.55 11.87 28.90
C ASP F 16 -5.53 12.45 27.49
N PHE F 17 -4.66 13.43 27.24
CA PHE F 17 -4.52 13.97 25.89
C PHE F 17 -3.97 12.92 24.94
N THR F 18 -2.95 12.17 25.38
CA THR F 18 -2.34 11.15 24.52
C THR F 18 -3.31 10.03 24.18
N VAL F 19 -4.35 9.83 24.99
CA VAL F 19 -5.29 8.75 24.74
C VAL F 19 -6.36 9.17 23.73
N ILE F 20 -6.97 10.35 23.94
CA ILE F 20 -8.03 10.81 23.05
C ILE F 20 -7.50 11.01 21.64
N THR F 21 -6.29 11.56 21.51
CA THR F 21 -5.71 11.74 20.19
C THR F 21 -5.44 10.41 19.50
N LYS F 22 -5.17 9.36 20.28
CA LYS F 22 -4.89 8.05 19.69
C LYS F 22 -6.17 7.36 19.24
N THR F 23 -7.23 7.43 20.06
CA THR F 23 -8.49 6.82 19.67
C THR F 23 -9.09 7.49 18.44
N SER F 24 -9.01 8.82 18.38
CA SER F 24 -9.56 9.54 17.23
C SER F 24 -8.95 9.05 15.92
N SER F 25 -7.66 8.74 15.93
CA SER F 25 -7.05 8.13 14.74
C SER F 25 -7.66 6.77 14.46
N MET F 26 -7.89 5.98 15.51
CA MET F 26 -8.53 4.68 15.33
C MET F 26 -10.00 4.81 14.95
N LEU F 27 -10.66 5.86 15.41
CA LEU F 27 -12.05 6.09 15.01
C LEU F 27 -12.16 6.31 13.50
N ASP F 28 -11.19 7.01 12.92
CA ASP F 28 -11.19 7.19 11.47
C ASP F 28 -10.72 5.94 10.75
N THR F 29 -9.89 5.11 11.39
CA THR F 29 -9.43 3.88 10.77
C THR F 29 -10.58 2.90 10.58
N CYS F 30 -11.40 2.70 11.61
CA CYS F 30 -12.55 1.84 11.49
C CYS F 30 -13.60 2.46 10.57
N GLY F 31 -14.46 1.60 10.03
CA GLY F 31 -15.44 2.04 9.05
C GLY F 31 -16.76 2.50 9.62
N PHE F 32 -17.09 2.07 10.84
CA PHE F 32 -18.43 2.29 11.38
C PHE F 32 -18.52 3.58 12.19
N TYR F 33 -17.54 4.46 12.10
CA TYR F 33 -17.61 5.78 12.71
C TYR F 33 -18.11 6.77 11.67
N TRP F 34 -19.23 7.43 11.98
CA TRP F 34 -19.90 8.30 11.03
C TRP F 34 -19.74 9.78 11.35
N GLY F 35 -18.94 10.12 12.35
CA GLY F 35 -18.68 11.50 12.67
C GLY F 35 -19.94 12.24 13.07
N PRO F 36 -20.02 13.52 12.70
CA PRO F 36 -21.22 14.31 13.03
C PRO F 36 -22.43 13.75 12.31
N MET F 37 -23.40 13.24 13.08
CA MET F 37 -24.56 12.59 12.53
C MET F 37 -25.78 12.90 13.39
N ASP F 38 -26.91 13.12 12.75
CA ASP F 38 -28.13 13.45 13.47
C ASP F 38 -28.70 12.21 14.13
N VAL F 39 -29.29 12.40 15.32
CA VAL F 39 -29.88 11.29 16.05
C VAL F 39 -31.01 10.66 15.25
N ASN F 40 -31.79 11.49 14.55
CA ASN F 40 -32.93 10.98 13.79
C ASN F 40 -32.48 10.08 12.64
N VAL F 41 -31.45 10.50 11.89
CA VAL F 41 -30.99 9.70 10.77
C VAL F 41 -30.25 8.46 11.27
N ALA F 42 -29.63 8.52 12.45
CA ALA F 42 -28.99 7.34 13.00
C ALA F 42 -30.02 6.28 13.38
N HIS F 43 -31.14 6.71 13.99
CA HIS F 43 -32.19 5.75 14.32
C HIS F 43 -32.94 5.30 13.08
N ASP F 44 -33.14 6.20 12.11
CA ASP F 44 -33.81 5.81 10.87
C ASP F 44 -32.94 4.92 10.01
N LYS F 45 -31.61 5.07 10.09
CA LYS F 45 -30.73 4.19 9.33
C LYS F 45 -30.70 2.80 9.95
N LEU F 46 -30.70 2.72 11.29
CA LEU F 46 -30.62 1.43 11.95
C LEU F 46 -31.96 0.71 12.00
N LYS F 47 -33.06 1.45 11.88
CA LYS F 47 -34.38 0.80 11.91
C LYS F 47 -34.55 -0.16 10.75
N SER F 48 -33.85 0.09 9.64
CA SER F 48 -33.86 -0.80 8.48
C SER F 48 -32.78 -1.87 8.56
N GLU F 49 -31.91 -1.80 9.56
CA GLU F 49 -30.82 -2.75 9.78
C GLU F 49 -31.28 -3.84 10.74
N PRO F 50 -30.66 -5.02 10.70
CA PRO F 50 -31.06 -6.09 11.61
C PRO F 50 -30.75 -5.76 13.06
N ILE F 51 -31.30 -6.59 13.95
CA ILE F 51 -31.18 -6.36 15.39
C ILE F 51 -29.73 -6.59 15.83
N GLY F 52 -29.23 -5.68 16.67
CA GLY F 52 -27.88 -5.77 17.19
C GLY F 52 -26.84 -5.01 16.40
N THR F 53 -27.23 -4.35 15.30
CA THR F 53 -26.29 -3.57 14.51
C THR F 53 -26.09 -2.21 15.16
N PHE F 54 -24.84 -1.91 15.52
CA PHE F 54 -24.52 -0.69 16.25
C PHE F 54 -23.79 0.29 15.34
N LEU F 55 -23.48 1.46 15.88
CA LEU F 55 -22.84 2.52 15.12
C LEU F 55 -22.29 3.55 16.09
N ILE F 56 -21.15 4.14 15.74
CA ILE F 56 -20.53 5.20 16.52
C ILE F 56 -20.62 6.49 15.74
N ARG F 57 -20.99 7.57 16.42
CA ARG F 57 -21.13 8.88 15.78
C ARG F 57 -20.82 9.95 16.81
N ASP F 58 -20.66 11.18 16.31
CA ASP F 58 -20.47 12.31 17.20
C ASP F 58 -21.79 12.68 17.86
N SER F 59 -21.68 13.38 18.99
CA SER F 59 -22.85 13.81 19.75
C SER F 59 -22.93 15.33 19.75
N LYS F 60 -24.12 15.84 19.44
CA LYS F 60 -24.32 17.29 19.41
C LYS F 60 -24.31 17.93 20.79
N GLN F 61 -24.34 17.12 21.84
CA GLN F 61 -24.30 17.66 23.20
C GLN F 61 -22.93 18.30 23.46
N LYS F 62 -22.89 19.19 24.45
CA LYS F 62 -21.66 19.87 24.80
C LYS F 62 -20.80 19.08 25.77
N ASN F 63 -21.42 18.21 26.57
CA ASN F 63 -20.72 17.42 27.58
C ASN F 63 -20.49 15.98 27.13
N CYS F 64 -20.65 15.69 25.84
CA CYS F 64 -20.62 14.33 25.32
C CYS F 64 -19.75 14.30 24.08
N PHE F 65 -18.70 13.48 24.10
CA PHE F 65 -17.81 13.39 22.95
C PHE F 65 -18.39 12.51 21.85
N PHE F 66 -18.78 11.28 22.19
CA PHE F 66 -19.30 10.33 21.22
C PHE F 66 -20.57 9.68 21.74
N ALA F 67 -21.38 9.18 20.81
CA ALA F 67 -22.58 8.42 21.12
C ALA F 67 -22.60 7.15 20.28
N ILE F 68 -23.16 6.09 20.86
CA ILE F 68 -23.30 4.81 20.19
C ILE F 68 -24.79 4.52 20.02
N SER F 69 -25.22 4.35 18.77
CA SER F 69 -26.60 4.05 18.45
C SER F 69 -26.72 2.57 18.08
N VAL F 70 -27.51 1.83 18.84
CA VAL F 70 -27.74 0.42 18.61
C VAL F 70 -29.24 0.17 18.47
N LYS F 71 -29.59 -0.83 17.68
CA LYS F 71 -30.98 -1.26 17.53
C LYS F 71 -31.21 -2.44 18.48
N THR F 72 -31.99 -2.22 19.53
CA THR F 72 -32.32 -3.28 20.46
C THR F 72 -33.53 -4.05 19.94
N ALA F 73 -33.92 -5.10 20.67
CA ALA F 73 -35.08 -5.89 20.27
C ALA F 73 -36.36 -5.05 20.30
N ARG F 74 -36.48 -4.15 21.29
CA ARG F 74 -37.70 -3.36 21.42
C ARG F 74 -37.67 -2.12 20.52
N GLU F 75 -36.54 -1.41 20.46
CA GLU F 75 -36.49 -0.13 19.78
C GLU F 75 -35.02 0.22 19.53
N THR F 76 -34.80 1.29 18.78
CA THR F 76 -33.45 1.79 18.50
C THR F 76 -33.08 2.83 19.53
N VAL F 77 -31.99 2.58 20.26
CA VAL F 77 -31.54 3.47 21.32
C VAL F 77 -30.17 4.03 20.98
N SER F 78 -29.91 5.23 21.48
CA SER F 78 -28.60 5.88 21.35
C SER F 78 -28.04 6.11 22.74
N ILE F 79 -26.86 5.54 23.01
CA ILE F 79 -26.24 5.60 24.32
C ILE F 79 -24.97 6.46 24.22
N ARG F 80 -24.81 7.39 25.15
CA ARG F 80 -23.65 8.25 25.20
C ARG F 80 -22.47 7.54 25.86
N ILE F 81 -21.26 7.98 25.51
CA ILE F 81 -20.02 7.40 26.00
C ILE F 81 -19.31 8.42 26.88
N LYS F 82 -19.05 8.06 28.13
CA LYS F 82 -18.39 8.92 29.08
C LYS F 82 -16.90 8.64 29.13
N PHE F 83 -16.10 9.70 29.19
CA PHE F 83 -14.65 9.61 29.35
C PHE F 83 -14.27 10.32 30.64
N HIS F 84 -13.68 9.58 31.57
CA HIS F 84 -13.36 10.12 32.89
C HIS F 84 -12.00 9.61 33.32
N ALA F 85 -11.02 10.52 33.40
CA ALA F 85 -9.68 10.23 33.92
C ALA F 85 -9.01 9.10 33.15
N GLY F 86 -9.05 9.20 31.82
CA GLY F 86 -8.37 8.23 30.98
C GLY F 86 -9.10 6.92 30.79
N LYS F 87 -10.34 6.81 31.25
CA LYS F 87 -11.12 5.59 31.16
C LYS F 87 -12.42 5.86 30.43
N PHE F 88 -12.78 4.99 29.49
CA PHE F 88 -14.01 5.09 28.73
C PHE F 88 -15.08 4.20 29.34
N SER F 89 -16.29 4.74 29.48
CA SER F 89 -17.42 3.97 29.97
C SER F 89 -18.67 4.35 29.21
N LEU F 90 -19.61 3.41 29.18
CA LEU F 90 -20.92 3.68 28.61
C LEU F 90 -21.80 4.40 29.63
N ASP F 91 -22.90 4.96 29.15
CA ASP F 91 -23.81 5.70 30.02
C ASP F 91 -24.46 4.78 31.06
N LYS F 94 -20.93 0.73 34.14
CA LYS F 94 -20.01 0.96 35.26
C LYS F 94 -18.64 0.36 34.98
N GLU F 95 -18.51 -0.27 33.82
CA GLU F 95 -17.26 -0.90 33.41
C GLU F 95 -16.40 0.13 32.68
N LEU F 96 -15.20 0.40 33.19
CA LEU F 96 -14.31 1.37 32.59
C LEU F 96 -13.34 0.66 31.64
N PHE F 97 -12.91 1.37 30.61
CA PHE F 97 -11.98 0.84 29.62
C PHE F 97 -11.00 1.92 29.19
N SER F 98 -9.76 1.52 28.93
CA SER F 98 -8.75 2.48 28.50
C SER F 98 -8.97 2.90 27.05
N CYS F 99 -9.33 1.96 26.18
CA CYS F 99 -9.58 2.23 24.78
C CYS F 99 -11.07 2.20 24.48
N LEU F 100 -11.48 3.01 23.50
CA LEU F 100 -12.89 3.02 23.11
C LEU F 100 -13.27 1.74 22.39
N PHE F 101 -12.38 1.20 21.56
CA PHE F 101 -12.68 -0.04 20.85
C PHE F 101 -12.51 -1.26 21.73
N GLN F 102 -11.75 -1.16 22.82
CA GLN F 102 -11.78 -2.20 23.84
C GLN F 102 -13.15 -2.27 24.50
N LEU F 103 -13.81 -1.12 24.64
CA LEU F 103 -15.20 -1.11 25.12
C LEU F 103 -16.13 -1.73 24.09
N VAL F 104 -15.91 -1.43 22.80
CA VAL F 104 -16.77 -1.98 21.75
C VAL F 104 -16.59 -3.50 21.67
N GLU F 105 -15.35 -3.97 21.70
CA GLU F 105 -15.10 -5.41 21.61
C GLU F 105 -15.70 -6.14 22.81
N HIS F 106 -15.68 -5.51 23.98
CA HIS F 106 -16.20 -6.15 25.19
C HIS F 106 -17.69 -6.45 25.06
N TYR F 107 -18.48 -5.45 24.67
CA TYR F 107 -19.92 -5.66 24.51
C TYR F 107 -20.26 -6.46 23.27
N MET F 108 -19.30 -6.72 22.40
CA MET F 108 -19.53 -7.55 21.22
C MET F 108 -19.32 -9.03 21.51
N THR F 109 -18.47 -9.35 22.48
CA THR F 109 -18.13 -10.73 22.79
C THR F 109 -19.00 -11.30 23.91
N SER F 110 -19.50 -10.46 24.80
CA SER F 110 -20.27 -10.95 25.93
C SER F 110 -21.58 -11.61 25.46
N PRO F 111 -22.08 -12.58 26.21
CA PRO F 111 -23.35 -13.24 25.85
C PRO F 111 -24.53 -12.32 25.69
N LYS F 112 -24.50 -11.10 26.27
CA LYS F 112 -25.65 -10.21 26.15
C LYS F 112 -25.95 -9.84 24.70
N LYS F 113 -24.92 -9.79 23.86
CA LYS F 113 -25.04 -9.46 22.44
C LYS F 113 -25.89 -8.21 22.21
N MET F 114 -25.64 -7.18 23.02
CA MET F 114 -26.23 -5.87 22.73
C MET F 114 -25.71 -5.35 21.40
N LEU F 115 -24.42 -5.51 21.15
CA LEU F 115 -23.76 -5.17 19.90
C LEU F 115 -23.35 -6.44 19.18
N VAL F 116 -23.64 -6.52 17.88
CA VAL F 116 -23.32 -7.72 17.12
C VAL F 116 -22.48 -7.36 15.90
N SER F 117 -23.00 -6.45 15.06
CA SER F 117 -22.33 -6.07 13.84
C SER F 117 -22.33 -4.55 13.70
N PRO F 118 -21.25 -3.97 13.18
CA PRO F 118 -21.21 -2.52 12.98
C PRO F 118 -21.60 -2.14 11.56
N LEU F 119 -22.44 -1.11 11.49
CA LEU F 119 -22.87 -0.55 10.21
C LEU F 119 -21.78 0.40 9.73
N ARG F 120 -20.95 -0.07 8.81
CA ARG F 120 -19.85 0.71 8.28
C ARG F 120 -20.31 1.53 7.10
N LYS F 121 -19.58 2.61 6.82
CA LYS F 121 -19.88 3.43 5.65
C LYS F 121 -19.72 2.61 4.38
N VAL F 122 -18.70 1.76 4.33
CA VAL F 122 -18.52 0.79 3.25
C VAL F 122 -18.71 -0.58 3.87
N ARG F 123 -19.78 -1.27 3.48
CA ARG F 123 -20.12 -2.53 4.13
C ARG F 123 -19.11 -3.63 3.83
N LEU F 124 -18.54 -3.61 2.63
CA LEU F 124 -17.57 -4.62 2.19
C LEU F 124 -16.17 -4.13 2.51
N ARG F 125 -15.49 -4.80 3.47
CA ARG F 125 -14.17 -4.49 3.97
C ARG F 125 -13.08 -5.13 3.12
N PRO F 126 -11.88 -4.55 3.07
CA PRO F 126 -10.78 -5.17 2.33
C PRO F 126 -10.41 -6.52 2.92
N LEU F 127 -9.74 -7.34 2.10
CA LEU F 127 -9.30 -8.65 2.56
C LEU F 127 -8.28 -8.54 3.68
N GLN F 128 -7.47 -7.47 3.68
CA GLN F 128 -6.48 -7.31 4.74
C GLN F 128 -7.15 -7.12 6.10
N GLU F 129 -8.23 -6.36 6.15
CA GLU F 129 -8.93 -6.16 7.41
C GLU F 129 -9.60 -7.44 7.89
N LEU F 130 -10.18 -8.21 6.97
CA LEU F 130 -10.83 -9.47 7.34
C LEU F 130 -9.81 -10.49 7.84
N CYS F 131 -8.62 -10.50 7.23
CA CYS F 131 -7.56 -11.37 7.73
C CYS F 131 -7.06 -10.89 9.09
N ARG F 132 -6.85 -9.58 9.24
CA ARG F 132 -6.40 -9.02 10.51
C ARG F 132 -7.34 -9.40 11.64
N LYS F 133 -8.66 -9.28 11.41
CA LYS F 133 -9.64 -9.63 12.43
C LYS F 133 -9.54 -11.11 12.80
N SER F 134 -9.22 -11.96 11.83
CA SER F 134 -9.09 -13.40 12.12
C SER F 134 -7.80 -13.69 12.87
N ILE F 135 -6.72 -12.97 12.56
CA ILE F 135 -5.44 -13.19 13.25
C ILE F 135 -5.58 -12.87 14.73
N LEU F 136 -6.23 -11.75 15.05
CA LEU F 136 -6.38 -11.34 16.44
C LEU F 136 -7.37 -12.22 17.19
N ALA F 137 -8.36 -12.77 16.49
CA ALA F 137 -9.37 -13.60 17.15
C ALA F 137 -8.78 -14.93 17.62
N THR F 138 -7.80 -15.46 16.92
CA THR F 138 -7.24 -16.77 17.25
C THR F 138 -6.02 -16.69 18.14
N PHE F 139 -5.17 -15.67 17.95
CA PHE F 139 -3.97 -15.51 18.75
C PHE F 139 -4.14 -14.51 19.89
N GLY F 140 -4.76 -13.37 19.63
CA GLY F 140 -4.94 -12.34 20.62
C GLY F 140 -3.92 -11.21 20.46
N ARG F 141 -4.28 -10.04 21.00
CA ARG F 141 -3.36 -8.92 20.96
C ARG F 141 -2.11 -9.16 21.79
N GLN F 142 -2.16 -10.09 22.74
CA GLN F 142 -0.98 -10.38 23.56
C GLN F 142 0.07 -11.14 22.76
N ASN F 143 -0.35 -12.17 22.03
CA ASN F 143 0.59 -13.01 21.28
C ASN F 143 1.04 -12.37 19.98
N LEU F 144 0.69 -11.10 19.73
CA LEU F 144 1.03 -10.42 18.49
C LEU F 144 2.52 -10.44 18.20
N ASP F 145 3.36 -10.60 19.22
CA ASP F 145 4.80 -10.62 19.03
C ASP F 145 5.36 -12.03 18.97
N SER F 146 4.54 -13.05 19.20
CA SER F 146 4.91 -14.45 19.06
C SER F 146 4.55 -14.99 17.67
N ILE F 147 4.31 -14.12 16.70
CA ILE F 147 3.81 -14.53 15.39
C ILE F 147 4.95 -14.57 14.38
N PRO F 148 5.04 -15.61 13.54
CA PRO F 148 6.11 -15.62 12.52
C PRO F 148 5.81 -14.71 11.35
N LEU F 149 5.63 -13.42 11.62
CA LEU F 149 5.31 -12.46 10.59
C LEU F 149 6.31 -11.32 10.68
N ASN F 150 6.62 -10.75 9.52
CA ASN F 150 7.61 -9.71 9.46
C ASN F 150 7.05 -8.42 10.04
N ARG F 151 7.89 -7.39 10.08
CA ARG F 151 7.53 -6.16 10.76
C ARG F 151 6.37 -5.46 10.06
N VAL F 152 6.36 -5.45 8.73
CA VAL F 152 5.32 -4.72 8.00
C VAL F 152 3.94 -5.30 8.31
N LEU F 153 3.82 -6.63 8.37
CA LEU F 153 2.54 -7.22 8.71
C LEU F 153 2.26 -7.18 10.21
N LYS F 154 3.31 -7.33 11.04
CA LYS F 154 3.11 -7.26 12.48
C LYS F 154 2.66 -5.87 12.90
N ASP F 155 3.19 -4.82 12.25
CA ASP F 155 2.74 -3.46 12.55
C ASP F 155 1.31 -3.22 12.08
N TYR F 156 0.91 -3.85 10.97
CA TYR F 156 -0.47 -3.72 10.50
C TYR F 156 -1.44 -4.38 11.47
N LEU F 157 -1.03 -5.49 12.10
CA LEU F 157 -1.88 -6.12 13.10
C LEU F 157 -2.03 -5.24 14.34
N LYS F 158 -0.95 -4.56 14.73
CA LYS F 158 -1.00 -3.67 15.87
C LYS F 158 -1.63 -2.33 15.54
N SER F 159 -1.84 -2.02 14.26
CA SER F 159 -2.49 -0.77 13.89
C SER F 159 -3.96 -0.75 14.29
N PHE F 160 -4.61 -1.91 14.32
CA PHE F 160 -6.01 -2.02 14.73
C PHE F 160 -6.22 -3.41 15.32
N PRO F 161 -5.67 -3.68 16.61
CA PRO F 161 -5.68 -5.04 17.21
C PRO F 161 -6.97 -5.36 17.95
N PHE F 162 -8.04 -5.62 17.20
CA PHE F 162 -9.33 -5.93 17.80
C PHE F 162 -10.06 -6.94 16.93
N GLN F 163 -10.88 -7.76 17.57
CA GLN F 163 -11.71 -8.73 16.85
C GLN F 163 -12.90 -8.10 16.16
N ILE F 164 -13.12 -6.79 16.34
CA ILE F 164 -14.29 -6.09 15.82
C ILE F 164 -14.42 -6.28 14.31
N GLU G 3 -33.58 11.75 22.35
CA GLU G 3 -33.99 10.70 23.28
C GLU G 3 -32.85 9.71 23.52
N PTR G 4 -32.20 9.82 24.69
CA PTR G 4 -31.09 8.96 25.05
C PTR G 4 -31.42 8.08 26.24
O PTR G 4 -32.39 8.33 26.97
CB PTR G 4 -29.84 9.79 25.34
CG PTR G 4 -29.07 10.23 24.12
CD1 PTR G 4 -29.69 10.32 22.88
CD2 PTR G 4 -27.72 10.57 24.19
CE1 PTR G 4 -28.99 10.72 21.75
CE2 PTR G 4 -27.02 10.98 23.09
CZ PTR G 4 -27.65 11.06 21.86
OH PTR G 4 -26.99 11.44 20.81
P PTR G 4 -27.02 12.99 20.37
O1P PTR G 4 -26.65 13.08 18.94
O2P PTR G 4 -26.01 13.79 21.21
O3P PTR G 4 -28.43 13.58 20.57
N SER G 5 -30.61 7.06 26.47
CA SER G 5 -30.82 6.14 27.59
C SER G 5 -29.48 5.67 28.13
N THR G 6 -29.49 4.52 28.82
CA THR G 6 -28.26 4.00 29.43
C THR G 6 -28.21 2.47 29.31
N VAL G 7 -27.74 1.82 30.37
CA VAL G 7 -27.36 0.40 30.40
C VAL G 7 -26.48 0.03 29.22
#